data_4ZB7
#
_entry.id   4ZB7
#
_cell.length_a   62.363
_cell.length_b   84.888
_cell.length_c   92.779
_cell.angle_alpha   90.00
_cell.angle_beta   102.98
_cell.angle_gamma   90.00
#
_symmetry.space_group_name_H-M   'P 1 21 1'
#
loop_
_entity.id
_entity.type
_entity.pdbx_description
1 polymer PcUre2p6
2 non-polymer 'SULFATE ION'
3 non-polymer GLYCEROL
4 water water
#
_entity_poly.entity_id   1
_entity_poly.type   'polypeptide(L)'
_entity_poly.pdbx_seq_one_letter_code
;MSHGKQFTLYTHKGGPNGWKVTIVLEELGLTYESIFLDFQKGEHKAPEYLKVNPNGRIPALIDHKNNDYTVWESNAIIQY
LVDKYDKDRKVSVAPGTNEYYTQLQWLYFQASGQGPYYGQAAWFSVYHPEKVPSAIERYRNEIKRVLGVLESVLSKQEFL
VDGKATVADFSFLPWNEGAAKFLLEGSQFEEEFPATAKWHKKLLERPAIAKVWEERAKVSAH
;
_entity_poly.pdbx_strand_id   A,B,C,D
#
loop_
_chem_comp.id
_chem_comp.type
_chem_comp.name
_chem_comp.formula
GOL non-polymer GLYCEROL 'C3 H8 O3'
SO4 non-polymer 'SULFATE ION' 'O4 S -2'
#
# COMPACT_ATOMS: atom_id res chain seq x y z
N GLY A 4 20.87 20.93 16.26
CA GLY A 4 20.96 22.01 15.30
C GLY A 4 19.84 22.07 14.26
N LYS A 5 20.19 22.18 12.99
CA LYS A 5 19.15 22.37 11.97
C LYS A 5 18.53 21.04 11.54
N GLN A 6 17.20 20.98 11.42
CA GLN A 6 16.59 19.71 11.05
C GLN A 6 17.04 19.26 9.67
N PHE A 7 17.09 20.20 8.74
CA PHE A 7 17.43 19.83 7.36
C PHE A 7 18.76 20.45 6.93
N THR A 8 19.48 19.74 6.06
CA THR A 8 20.51 20.38 5.28
C THR A 8 19.99 20.37 3.84
N LEU A 9 20.00 21.54 3.23
CA LEU A 9 19.63 21.70 1.82
C LEU A 9 20.91 21.99 1.04
N TYR A 10 21.24 21.13 0.08
CA TYR A 10 22.33 21.43 -0.82
C TYR A 10 21.74 22.08 -2.04
N THR A 11 22.36 23.18 -2.48
CA THR A 11 21.85 23.92 -3.63
C THR A 11 22.96 24.74 -4.23
N HIS A 12 22.76 25.26 -5.43
CA HIS A 12 23.68 26.23 -6.01
C HIS A 12 23.28 27.63 -5.53
N LYS A 13 24.25 28.55 -5.50
CA LYS A 13 24.05 29.89 -4.92
C LYS A 13 22.72 30.58 -5.33
N GLY A 14 22.58 30.99 -6.58
CA GLY A 14 21.32 31.64 -6.95
C GLY A 14 20.20 30.74 -7.45
N GLY A 15 20.22 29.46 -7.07
CA GLY A 15 19.38 28.47 -7.74
C GLY A 15 17.87 28.53 -7.55
N PRO A 16 17.11 28.62 -8.66
CA PRO A 16 15.64 28.68 -8.56
C PRO A 16 15.09 27.46 -7.88
N ASN A 17 15.62 26.28 -8.19
CA ASN A 17 15.16 25.08 -7.50
C ASN A 17 15.40 25.10 -6.00
N GLY A 18 16.53 25.66 -5.61
CA GLY A 18 16.81 25.86 -4.20
C GLY A 18 15.78 26.78 -3.57
N TRP A 19 15.48 27.89 -4.26
CA TRP A 19 14.58 28.88 -3.69
C TRP A 19 13.22 28.25 -3.51
N LYS A 20 12.82 27.52 -4.56
CA LYS A 20 11.60 26.73 -4.57
C LYS A 20 11.50 25.91 -3.29
N VAL A 21 12.54 25.12 -2.99
CA VAL A 21 12.49 24.29 -1.79
C VAL A 21 12.46 25.13 -0.50
N THR A 22 13.17 26.26 -0.54
CA THR A 22 13.31 27.11 0.63
C THR A 22 11.98 27.75 0.98
N ILE A 23 11.21 28.05 -0.04
CA ILE A 23 9.88 28.61 0.15
C ILE A 23 9.10 27.66 1.04
N VAL A 24 9.17 26.37 0.73
CA VAL A 24 8.36 25.40 1.44
C VAL A 24 8.88 25.20 2.85
N LEU A 25 10.20 25.13 2.99
CA LEU A 25 10.79 25.01 4.33
C LEU A 25 10.29 26.14 5.23
N GLU A 26 10.26 27.34 4.67
CA GLU A 26 9.84 28.48 5.48
C GLU A 26 8.34 28.50 5.77
N GLU A 27 7.53 28.17 4.76
CA GLU A 27 6.09 28.14 4.93
C GLU A 27 5.73 27.17 6.06
N LEU A 28 6.44 26.05 6.14
CA LEU A 28 6.23 25.04 7.19
C LEU A 28 6.99 25.33 8.50
N GLY A 29 7.75 26.42 8.56
CA GLY A 29 8.49 26.75 9.78
C GLY A 29 9.50 25.70 10.20
N LEU A 30 10.19 25.11 9.24
CA LEU A 30 11.19 24.08 9.54
C LEU A 30 12.58 24.69 9.57
N THR A 31 13.44 24.16 10.43
CA THR A 31 14.80 24.66 10.55
C THR A 31 15.67 23.96 9.53
N TYR A 32 16.59 24.72 8.92
CA TYR A 32 17.44 24.20 7.86
C TYR A 32 18.71 25.02 7.69
N GLU A 33 19.71 24.40 7.08
CA GLU A 33 20.92 25.09 6.71
C GLU A 33 21.07 24.94 5.22
N SER A 34 21.55 25.97 4.54
CA SER A 34 21.78 25.86 3.11
C SER A 34 23.27 25.77 2.85
N ILE A 35 23.66 24.81 2.02
CA ILE A 35 25.05 24.68 1.58
C ILE A 35 25.14 24.85 0.08
N PHE A 36 26.01 25.78 -0.37
CA PHE A 36 26.21 26.06 -1.80
C PHE A 36 27.33 25.22 -2.42
N LEU A 37 27.14 24.80 -3.68
CA LEU A 37 28.08 23.92 -4.38
C LEU A 37 28.53 24.44 -5.75
N ARG A 57 21.30 14.37 -8.31
CA ARG A 57 21.26 15.80 -8.66
C ARG A 57 21.38 16.76 -7.46
N ILE A 58 21.42 18.05 -7.80
CA ILE A 58 21.25 19.15 -6.84
C ILE A 58 20.05 19.96 -7.35
N PRO A 59 19.18 20.43 -6.45
CA PRO A 59 19.22 20.41 -4.98
C PRO A 59 18.97 19.03 -4.34
N ALA A 60 19.35 18.90 -3.07
CA ALA A 60 19.18 17.68 -2.30
C ALA A 60 18.89 18.07 -0.86
N LEU A 61 18.07 17.26 -0.23
CA LEU A 61 17.61 17.53 1.11
C LEU A 61 17.96 16.34 2.02
N ILE A 62 18.49 16.65 3.20
CA ILE A 62 18.79 15.65 4.23
C ILE A 62 18.01 15.98 5.51
N ASP A 63 17.19 15.02 5.94
CA ASP A 63 16.29 15.20 7.08
C ASP A 63 16.90 14.49 8.28
N HIS A 64 17.54 15.26 9.15
CA HIS A 64 18.25 14.67 10.28
C HIS A 64 17.33 14.02 11.31
N LYS A 65 16.04 14.31 11.24
CA LYS A 65 15.08 13.67 12.13
C LYS A 65 14.51 12.39 11.54
N ASN A 66 14.92 12.06 10.31
CA ASN A 66 14.49 10.81 9.68
C ASN A 66 15.71 9.96 9.30
N ASN A 67 16.64 9.84 10.23
CA ASN A 67 17.83 9.04 10.02
C ASN A 67 18.61 9.52 8.79
N ASP A 68 18.55 10.82 8.54
CA ASP A 68 19.24 11.45 7.42
C ASP A 68 18.76 10.89 6.10
N TYR A 69 17.51 10.47 6.03
CA TYR A 69 16.91 10.21 4.72
C TYR A 69 17.21 11.37 3.79
N THR A 70 17.57 11.05 2.55
CA THR A 70 18.09 12.02 1.61
C THR A 70 17.30 11.87 0.32
N VAL A 71 16.84 13.00 -0.19
CA VAL A 71 16.06 12.99 -1.41
C VAL A 71 16.48 14.14 -2.33
N TRP A 72 16.47 13.91 -3.65
CA TRP A 72 16.69 15.00 -4.60
C TRP A 72 15.52 15.12 -5.60
N GLU A 73 15.63 16.06 -6.54
CA GLU A 73 14.49 16.59 -7.32
C GLU A 73 13.61 17.48 -6.44
N SER A 74 13.59 18.77 -6.77
CA SER A 74 12.96 19.77 -5.91
C SER A 74 11.49 19.48 -5.68
N ASN A 75 10.81 18.95 -6.67
CA ASN A 75 9.38 18.70 -6.46
C ASN A 75 9.12 17.40 -5.68
N ALA A 76 10.07 16.48 -5.74
CA ALA A 76 9.95 15.30 -4.88
C ALA A 76 10.28 15.73 -3.44
N ILE A 77 11.29 16.57 -3.30
CA ILE A 77 11.69 17.08 -1.98
C ILE A 77 10.52 17.77 -1.32
N ILE A 78 9.95 18.72 -2.06
CA ILE A 78 8.79 19.46 -1.62
C ILE A 78 7.60 18.54 -1.30
N GLN A 79 7.37 17.54 -2.13
CA GLN A 79 6.29 16.59 -1.79
C GLN A 79 6.56 15.95 -0.40
N TYR A 80 7.81 15.53 -0.20
CA TYR A 80 8.24 14.93 1.06
C TYR A 80 7.93 15.86 2.23
N LEU A 81 8.34 17.11 2.07
CA LEU A 81 8.18 18.10 3.13
C LEU A 81 6.69 18.31 3.51
N VAL A 82 5.80 18.43 2.52
CA VAL A 82 4.42 18.68 2.90
C VAL A 82 3.72 17.43 3.43
N ASP A 83 4.02 16.28 2.84
CA ASP A 83 3.30 15.07 3.24
C ASP A 83 3.64 14.71 4.67
N LYS A 84 4.90 14.91 5.04
CA LYS A 84 5.33 14.59 6.40
C LYS A 84 5.14 15.72 7.40
N TYR A 85 5.27 16.96 6.95
CA TYR A 85 5.33 18.06 7.91
C TYR A 85 4.23 19.12 7.72
N ASP A 86 3.26 18.86 6.85
CA ASP A 86 2.12 19.76 6.75
C ASP A 86 0.85 19.02 7.11
N LYS A 87 0.88 18.36 8.28
CA LYS A 87 -0.23 17.54 8.74
C LYS A 87 -1.45 18.41 8.99
N ASP A 88 -1.22 19.67 9.38
CA ASP A 88 -2.33 20.61 9.50
C ASP A 88 -2.89 21.05 8.15
N ARG A 89 -2.21 20.67 7.06
CA ARG A 89 -2.64 21.01 5.70
C ARG A 89 -2.73 22.54 5.50
N LYS A 90 -1.73 23.25 6.01
CA LYS A 90 -1.69 24.69 5.84
C LYS A 90 -1.46 25.07 4.37
N VAL A 91 -0.61 24.31 3.69
CA VAL A 91 -0.25 24.67 2.32
C VAL A 91 -0.22 23.50 1.36
N SER A 92 -1.03 22.48 1.64
CA SER A 92 -1.05 21.28 0.79
C SER A 92 -2.34 20.51 1.06
N VAL A 93 -2.66 19.54 0.20
CA VAL A 93 -3.84 18.71 0.43
C VAL A 93 -3.44 17.32 0.94
N ALA A 94 -4.41 16.58 1.48
CA ALA A 94 -4.11 15.29 2.06
C ALA A 94 -3.72 14.25 1.02
N PRO A 95 -2.62 13.54 1.28
CA PRO A 95 -2.20 12.33 0.57
C PRO A 95 -3.39 11.40 0.49
N GLY A 96 -3.62 10.77 -0.66
CA GLY A 96 -4.73 9.85 -0.79
C GLY A 96 -6.00 10.41 -1.46
N THR A 97 -6.19 11.73 -1.39
CA THR A 97 -7.38 12.36 -1.95
C THR A 97 -7.14 12.66 -3.43
N ASN A 98 -8.22 12.83 -4.21
CA ASN A 98 -8.08 13.19 -5.63
C ASN A 98 -7.30 14.48 -5.80
N GLU A 99 -7.58 15.42 -4.91
CA GLU A 99 -6.90 16.71 -4.94
C GLU A 99 -5.40 16.52 -4.85
N TYR A 100 -4.95 15.47 -4.16
CA TYR A 100 -3.51 15.20 -4.05
C TYR A 100 -2.95 14.92 -5.42
N TYR A 101 -3.68 14.15 -6.20
CA TYR A 101 -3.18 13.82 -7.53
C TYR A 101 -3.23 15.00 -8.49
N THR A 102 -4.20 15.91 -8.28
CA THR A 102 -4.24 17.16 -9.06
C THR A 102 -3.05 18.08 -8.73
N GLN A 103 -2.83 18.23 -7.43
CA GLN A 103 -1.66 18.94 -6.94
C GLN A 103 -0.40 18.32 -7.58
N LEU A 104 -0.37 16.99 -7.65
CA LEU A 104 0.81 16.35 -8.19
C LEU A 104 0.95 16.68 -9.68
N GLN A 105 -0.19 16.75 -10.33
CA GLN A 105 -0.30 17.04 -11.74
C GLN A 105 0.37 18.38 -12.03
N TRP A 106 0.01 19.38 -11.23
CA TRP A 106 0.58 20.69 -11.38
C TRP A 106 2.08 20.71 -11.04
N LEU A 107 2.50 19.90 -10.08
CA LEU A 107 3.95 19.84 -9.77
C LEU A 107 4.75 19.26 -10.93
N TYR A 108 4.20 18.23 -11.58
CA TYR A 108 4.86 17.70 -12.79
C TYR A 108 4.84 18.69 -13.92
N PHE A 109 3.70 19.39 -14.07
CA PHE A 109 3.64 20.36 -15.14
C PHE A 109 4.67 21.47 -14.86
N GLN A 110 4.77 21.93 -13.62
CA GLN A 110 5.80 22.92 -13.26
C GLN A 110 7.22 22.40 -13.56
N ALA A 111 7.52 21.16 -13.19
CA ALA A 111 8.88 20.68 -13.44
C ALA A 111 9.17 20.55 -14.93
N SER A 112 8.16 20.21 -15.73
CA SER A 112 8.38 19.85 -17.13
C SER A 112 8.32 21.05 -18.04
N GLY A 113 7.21 21.77 -17.93
CA GLY A 113 6.88 22.86 -18.82
C GLY A 113 7.94 23.92 -18.69
N GLN A 114 8.55 23.99 -17.52
CA GLN A 114 9.66 24.92 -17.33
C GLN A 114 10.98 24.26 -16.88
N GLY A 115 11.54 23.45 -17.78
CA GLY A 115 12.86 22.89 -17.59
C GLY A 115 13.90 24.01 -17.60
N TYR A 139 11.24 29.67 -29.91
CA TYR A 139 11.77 30.68 -29.01
C TYR A 139 11.13 30.58 -27.62
N ARG A 140 11.17 31.66 -26.85
CA ARG A 140 10.51 31.68 -25.56
C ARG A 140 9.05 32.14 -25.70
N ASN A 141 8.37 31.45 -26.61
CA ASN A 141 6.93 31.37 -26.62
C ASN A 141 6.58 30.14 -25.82
N GLU A 142 7.61 29.38 -25.44
CA GLU A 142 7.44 28.24 -24.54
C GLU A 142 6.94 28.75 -23.20
N ILE A 143 7.55 29.83 -22.76
CA ILE A 143 7.12 30.56 -21.58
C ILE A 143 5.64 30.98 -21.68
N LYS A 144 5.27 31.57 -22.80
CA LYS A 144 3.90 32.01 -22.99
C LYS A 144 2.97 30.81 -23.11
N ARG A 145 3.50 29.68 -23.55
CA ARG A 145 2.71 28.46 -23.63
C ARG A 145 2.38 28.00 -22.21
N VAL A 146 3.41 27.95 -21.35
CA VAL A 146 3.23 27.62 -19.93
C VAL A 146 2.24 28.57 -19.25
N LEU A 147 2.51 29.86 -19.35
CA LEU A 147 1.62 30.90 -18.82
C LEU A 147 0.22 30.76 -19.39
N GLY A 148 0.11 30.32 -20.64
CA GLY A 148 -1.17 30.11 -21.29
C GLY A 148 -1.96 29.08 -20.51
N VAL A 149 -1.32 27.94 -20.25
CA VAL A 149 -1.94 26.89 -19.47
C VAL A 149 -2.38 27.38 -18.10
N LEU A 150 -1.48 28.13 -17.44
CA LEU A 150 -1.77 28.68 -16.11
C LEU A 150 -3.01 29.59 -16.17
N GLU A 151 -2.98 30.55 -17.09
CA GLU A 151 -4.04 31.52 -17.28
C GLU A 151 -5.39 30.85 -17.53
N SER A 152 -5.42 29.79 -18.33
CA SER A 152 -6.72 29.16 -18.67
C SER A 152 -7.39 28.59 -17.41
N VAL A 153 -6.58 28.30 -16.40
CA VAL A 153 -7.08 27.79 -15.13
C VAL A 153 -7.39 28.90 -14.15
N LEU A 154 -6.38 29.73 -13.90
CA LEU A 154 -6.47 30.77 -12.89
C LEU A 154 -7.48 31.86 -13.24
N SER A 155 -7.95 31.91 -14.48
CA SER A 155 -9.01 32.86 -14.83
C SER A 155 -10.37 32.35 -14.38
N LYS A 156 -10.43 31.07 -13.99
CA LYS A 156 -11.71 30.41 -13.69
C LYS A 156 -11.77 29.95 -12.24
N GLN A 157 -10.62 29.95 -11.58
CA GLN A 157 -10.52 29.56 -10.18
C GLN A 157 -9.32 30.25 -9.49
N GLU A 158 -9.47 30.51 -8.20
CA GLU A 158 -8.48 31.25 -7.43
C GLU A 158 -7.05 30.65 -7.45
N PHE A 159 -6.92 29.34 -7.29
CA PHE A 159 -5.60 28.68 -7.22
C PHE A 159 -5.56 27.44 -8.11
N LEU A 160 -4.39 26.81 -8.23
CA LEU A 160 -4.28 25.65 -9.11
C LEU A 160 -5.09 24.45 -8.61
N VAL A 161 -5.07 24.24 -7.29
CA VAL A 161 -5.90 23.21 -6.66
C VAL A 161 -7.09 23.83 -5.91
N ASP A 162 -8.28 23.75 -6.52
CA ASP A 162 -9.50 24.45 -6.08
C ASP A 162 -9.63 24.92 -4.61
N GLY A 163 -9.38 26.20 -4.38
CA GLY A 163 -9.68 26.76 -3.07
C GLY A 163 -8.55 27.44 -2.34
N LYS A 164 -7.45 26.71 -2.13
CA LYS A 164 -6.38 27.22 -1.29
C LYS A 164 -5.04 27.20 -2.01
N ALA A 165 -4.20 28.17 -1.68
CA ALA A 165 -2.82 28.14 -2.11
C ALA A 165 -2.14 26.88 -1.57
N THR A 166 -1.46 26.16 -2.48
CA THR A 166 -0.64 24.99 -2.12
C THR A 166 0.77 25.11 -2.68
N VAL A 167 1.59 24.12 -2.36
CA VAL A 167 2.92 24.05 -2.94
C VAL A 167 2.84 23.95 -4.46
N ALA A 168 1.68 23.56 -4.97
CA ALA A 168 1.53 23.54 -6.42
C ALA A 168 1.71 24.98 -6.93
N ASP A 169 1.02 25.93 -6.31
CA ASP A 169 1.19 27.33 -6.66
C ASP A 169 2.60 27.82 -6.35
N PHE A 170 3.13 27.40 -5.22
CA PHE A 170 4.40 27.96 -4.80
C PHE A 170 5.47 27.54 -5.77
N SER A 171 5.29 26.39 -6.42
CA SER A 171 6.35 25.76 -7.22
C SER A 171 6.74 26.63 -8.41
N PHE A 172 5.80 27.45 -8.87
CA PHE A 172 6.02 28.29 -10.04
C PHE A 172 6.72 29.65 -9.75
N LEU A 173 6.70 30.08 -8.50
CA LEU A 173 7.19 31.43 -8.12
C LEU A 173 8.59 31.81 -8.63
N PRO A 174 9.61 30.97 -8.34
CA PRO A 174 10.95 31.43 -8.79
C PRO A 174 11.02 31.46 -10.31
N TRP A 175 10.51 30.43 -10.97
CA TRP A 175 10.51 30.39 -12.43
C TRP A 175 9.77 31.59 -13.03
N ASN A 176 8.65 31.96 -12.40
CA ASN A 176 7.79 33.03 -12.88
C ASN A 176 8.45 34.40 -12.73
N GLU A 177 9.30 34.53 -11.73
CA GLU A 177 10.03 35.77 -11.53
C GLU A 177 11.00 36.06 -12.68
N GLY A 178 11.66 35.02 -13.19
CA GLY A 178 12.54 35.18 -14.34
C GLY A 178 11.77 35.40 -15.63
N ALA A 179 10.68 34.66 -15.79
CA ALA A 179 9.83 34.81 -16.97
C ALA A 179 9.24 36.22 -17.11
N ALA A 180 9.02 36.89 -15.99
CA ALA A 180 8.49 38.25 -16.00
C ALA A 180 9.63 39.25 -16.18
N LYS A 181 10.80 38.73 -16.55
CA LYS A 181 11.87 39.54 -17.11
C LYS A 181 12.04 39.15 -18.57
N PHE A 182 10.90 38.82 -19.19
CA PHE A 182 10.76 38.37 -20.59
C PHE A 182 12.01 37.85 -21.28
N GLY A 186 7.90 44.26 -21.97
CA GLY A 186 7.80 45.37 -21.03
C GLY A 186 6.77 45.11 -19.96
N SER A 187 5.49 45.07 -20.36
CA SER A 187 4.40 44.77 -19.43
C SER A 187 3.47 43.69 -19.99
N GLN A 188 3.99 42.86 -20.88
CA GLN A 188 3.19 41.85 -21.56
C GLN A 188 2.62 40.85 -20.57
N PHE A 189 3.29 40.68 -19.44
CA PHE A 189 2.82 39.77 -18.40
C PHE A 189 1.41 40.16 -17.94
N GLU A 190 1.28 41.33 -17.30
CA GLU A 190 -0.01 41.75 -16.74
C GLU A 190 -1.07 42.02 -17.79
N GLU A 191 -0.65 42.11 -19.06
CA GLU A 191 -1.53 42.43 -20.17
C GLU A 191 -2.12 41.20 -20.85
N GLU A 192 -1.29 40.16 -21.02
CA GLU A 192 -1.69 38.94 -21.70
C GLU A 192 -2.15 37.89 -20.73
N PHE A 193 -1.69 38.02 -19.50
CA PHE A 193 -1.95 37.01 -18.50
C PHE A 193 -2.36 37.64 -17.19
N PRO A 194 -3.48 38.41 -17.19
CA PRO A 194 -3.76 39.14 -15.96
C PRO A 194 -4.12 38.26 -14.74
N ALA A 195 -4.84 37.15 -14.94
CA ALA A 195 -5.16 36.30 -13.78
C ALA A 195 -3.87 35.78 -13.17
N THR A 196 -2.98 35.30 -14.04
CA THR A 196 -1.72 34.74 -13.61
C THR A 196 -0.86 35.80 -12.94
N ALA A 197 -0.83 37.02 -13.49
CA ALA A 197 -0.03 38.07 -12.89
C ALA A 197 -0.57 38.47 -11.52
N LYS A 198 -1.89 38.55 -11.41
CA LYS A 198 -2.51 38.81 -10.10
C LYS A 198 -2.12 37.75 -9.07
N TRP A 199 -2.39 36.49 -9.42
CA TRP A 199 -2.08 35.32 -8.60
C TRP A 199 -0.61 35.29 -8.11
N HIS A 200 0.29 35.51 -9.06
CA HIS A 200 1.72 35.51 -8.79
C HIS A 200 2.03 36.62 -7.79
N LYS A 201 1.52 37.82 -8.09
CA LYS A 201 1.76 38.96 -7.23
C LYS A 201 1.30 38.71 -5.81
N LYS A 202 0.12 38.13 -5.65
CA LYS A 202 -0.43 37.89 -4.30
C LYS A 202 0.32 36.79 -3.56
N LEU A 203 0.77 35.77 -4.27
CA LEU A 203 1.67 34.77 -3.66
C LEU A 203 2.91 35.44 -3.09
N LEU A 204 3.52 36.34 -3.87
CA LEU A 204 4.72 37.05 -3.40
C LEU A 204 4.47 37.82 -2.10
N GLU A 205 3.21 38.18 -1.85
CA GLU A 205 2.86 38.98 -0.68
C GLU A 205 2.68 38.18 0.60
N ARG A 206 2.64 36.86 0.48
CA ARG A 206 2.60 35.99 1.65
C ARG A 206 3.89 36.18 2.48
N PRO A 207 3.73 36.47 3.78
CA PRO A 207 4.81 36.78 4.73
C PRO A 207 6.06 35.90 4.54
N ALA A 208 5.90 34.58 4.64
CA ALA A 208 7.02 33.65 4.47
C ALA A 208 7.76 33.83 3.14
N ILE A 209 6.99 33.92 2.05
CA ILE A 209 7.53 34.09 0.71
C ILE A 209 8.17 35.47 0.53
N ALA A 210 7.59 36.48 1.17
CA ALA A 210 8.22 37.80 1.21
C ALA A 210 9.60 37.74 1.90
N LYS A 211 9.67 37.02 3.00
CA LYS A 211 10.94 36.84 3.69
C LYS A 211 11.97 36.14 2.81
N VAL A 212 11.54 35.05 2.17
CA VAL A 212 12.45 34.32 1.29
C VAL A 212 12.90 35.20 0.14
N TRP A 213 12.02 36.12 -0.27
CA TRP A 213 12.33 37.01 -1.38
C TRP A 213 13.33 38.09 -1.01
N GLU A 214 13.32 38.51 0.25
CA GLU A 214 14.36 39.39 0.75
C GLU A 214 15.71 38.67 0.77
N GLU A 215 15.71 37.46 1.33
CA GLU A 215 16.92 36.62 1.32
C GLU A 215 17.46 36.46 -0.12
N ARG A 216 16.57 36.08 -1.05
CA ARG A 216 16.90 35.91 -2.47
C ARG A 216 17.43 37.18 -3.11
N ALA A 217 16.84 38.32 -2.73
CA ALA A 217 17.33 39.62 -3.18
C ALA A 217 18.78 39.84 -2.79
N LYS A 218 19.06 39.83 -1.49
CA LYS A 218 20.43 40.10 -1.00
C LYS A 218 21.47 39.07 -1.44
N VAL A 219 21.03 37.83 -1.63
CA VAL A 219 21.89 36.78 -2.18
C VAL A 219 22.20 37.05 -3.65
N GLY B 4 -18.59 -0.67 -18.63
CA GLY B 4 -17.47 -1.21 -19.38
C GLY B 4 -16.05 -1.02 -18.82
N LYS B 5 -15.19 -0.35 -19.58
CA LYS B 5 -13.79 -0.23 -19.22
C LYS B 5 -13.62 0.77 -18.07
N GLN B 6 -12.92 0.37 -17.01
CA GLN B 6 -12.71 1.28 -15.87
C GLN B 6 -12.12 2.64 -16.29
N PHE B 7 -11.08 2.62 -17.12
CA PHE B 7 -10.42 3.88 -17.50
C PHE B 7 -10.58 4.26 -18.97
N THR B 8 -10.54 5.57 -19.22
CA THR B 8 -10.28 6.05 -20.57
C THR B 8 -8.94 6.80 -20.56
N LEU B 9 -8.10 6.45 -21.52
CA LEU B 9 -6.76 7.02 -21.69
C LEU B 9 -6.77 7.83 -22.97
N TYR B 10 -6.65 9.13 -22.86
CA TYR B 10 -6.50 9.95 -24.05
C TYR B 10 -5.02 10.13 -24.34
N THR B 11 -4.64 9.84 -25.59
CA THR B 11 -3.23 9.86 -25.95
C THR B 11 -3.06 10.18 -27.41
N HIS B 12 -1.83 10.45 -27.83
CA HIS B 12 -1.54 10.46 -29.26
C HIS B 12 -1.14 9.05 -29.64
N LYS B 13 -1.21 8.75 -30.93
CA LYS B 13 -0.97 7.40 -31.48
C LYS B 13 0.35 6.73 -31.00
N GLY B 14 1.47 7.23 -31.47
CA GLY B 14 2.71 6.63 -31.01
C GLY B 14 3.31 7.26 -29.77
N GLY B 15 2.46 7.83 -28.92
CA GLY B 15 2.94 8.62 -27.80
C GLY B 15 3.68 7.85 -26.70
N PRO B 16 5.01 8.10 -26.57
CA PRO B 16 5.83 7.47 -25.52
C PRO B 16 5.21 7.58 -24.13
N ASN B 17 4.66 8.75 -23.80
CA ASN B 17 3.90 8.94 -22.57
C ASN B 17 2.63 8.09 -22.40
N GLY B 18 1.81 8.02 -23.47
CA GLY B 18 0.69 7.10 -23.50
C GLY B 18 1.17 5.68 -23.30
N TRP B 19 2.29 5.32 -23.93
CA TRP B 19 2.86 3.99 -23.72
C TRP B 19 3.26 3.73 -22.26
N LYS B 20 3.99 4.66 -21.64
CA LYS B 20 4.27 4.58 -20.20
C LYS B 20 3.03 4.17 -19.42
N VAL B 21 1.99 5.00 -19.55
CA VAL B 21 0.78 4.77 -18.79
C VAL B 21 0.22 3.38 -19.10
N THR B 22 0.32 2.97 -20.35
CA THR B 22 -0.27 1.69 -20.78
C THR B 22 0.44 0.52 -20.15
N ILE B 23 1.75 0.67 -20.02
CA ILE B 23 2.54 -0.34 -19.37
C ILE B 23 2.00 -0.51 -17.95
N VAL B 24 1.71 0.62 -17.30
CA VAL B 24 1.20 0.50 -15.93
C VAL B 24 -0.19 -0.13 -15.83
N LEU B 25 -1.13 0.40 -16.59
CA LEU B 25 -2.45 -0.22 -16.70
C LEU B 25 -2.36 -1.73 -16.87
N GLU B 26 -1.51 -2.18 -17.79
CA GLU B 26 -1.38 -3.61 -18.06
C GLU B 26 -0.75 -4.35 -16.90
N GLU B 27 0.24 -3.71 -16.27
CA GLU B 27 0.93 -4.36 -15.17
C GLU B 27 -0.09 -4.57 -14.06
N LEU B 28 -1.01 -3.62 -13.90
CA LEU B 28 -2.01 -3.73 -12.85
C LEU B 28 -3.27 -4.52 -13.24
N GLY B 29 -3.31 -5.07 -14.45
CA GLY B 29 -4.49 -5.82 -14.90
C GLY B 29 -5.77 -4.97 -14.96
N LEU B 30 -5.61 -3.69 -15.22
CA LEU B 30 -6.76 -2.78 -15.23
C LEU B 30 -7.39 -2.71 -16.63
N THR B 31 -8.71 -2.59 -16.70
CA THR B 31 -9.36 -2.44 -18.00
C THR B 31 -9.38 -0.98 -18.40
N TYR B 32 -9.10 -0.70 -19.67
CA TYR B 32 -9.08 0.67 -20.17
C TYR B 32 -9.38 0.73 -21.66
N GLU B 33 -9.76 1.91 -22.10
CA GLU B 33 -9.91 2.17 -23.52
C GLU B 33 -8.97 3.29 -23.87
N SER B 34 -8.31 3.18 -25.02
CA SER B 34 -7.41 4.22 -25.49
C SER B 34 -8.06 4.97 -26.62
N ILE B 35 -8.02 6.29 -26.52
CA ILE B 35 -8.57 7.17 -27.53
C ILE B 35 -7.44 8.05 -28.03
N PHE B 36 -7.21 8.00 -29.33
CA PHE B 36 -6.14 8.77 -29.97
C PHE B 36 -6.66 10.15 -30.32
N LEU B 37 -5.85 11.16 -30.08
CA LEU B 37 -6.11 12.49 -30.58
C LEU B 37 -5.10 12.85 -31.67
N ASP B 38 -5.48 13.79 -32.52
CA ASP B 38 -4.71 14.18 -33.72
C ASP B 38 -4.56 13.04 -34.71
N ARG B 57 -3.60 18.72 -20.70
CA ARG B 57 -2.64 18.09 -21.60
C ARG B 57 -3.01 16.65 -21.96
N ILE B 58 -2.19 16.08 -22.84
CA ILE B 58 -2.29 14.67 -23.24
C ILE B 58 -0.90 14.11 -22.98
N PRO B 59 -0.85 12.90 -22.38
CA PRO B 59 -2.01 12.04 -22.07
C PRO B 59 -2.89 12.47 -20.89
N ALA B 60 -4.11 11.92 -20.86
CA ALA B 60 -5.04 12.11 -19.77
C ALA B 60 -5.78 10.81 -19.43
N LEU B 61 -6.09 10.68 -18.15
CA LEU B 61 -6.75 9.50 -17.64
C LEU B 61 -8.04 9.91 -16.94
N ILE B 62 -9.10 9.18 -17.26
CA ILE B 62 -10.39 9.32 -16.61
C ILE B 62 -10.72 7.98 -15.95
N ASP B 63 -11.06 8.03 -14.66
CA ASP B 63 -11.35 6.80 -13.89
C ASP B 63 -12.85 6.69 -13.60
N HIS B 64 -13.53 5.83 -14.36
CA HIS B 64 -14.98 5.74 -14.25
C HIS B 64 -15.47 5.15 -12.94
N LYS B 65 -14.57 4.61 -12.15
CA LYS B 65 -14.96 4.13 -10.83
C LYS B 65 -14.64 5.15 -9.75
N ASN B 66 -14.10 6.31 -10.15
CA ASN B 66 -13.89 7.37 -9.17
C ASN B 66 -14.56 8.66 -9.62
N ASN B 67 -15.83 8.57 -9.97
CA ASN B 67 -16.61 9.75 -10.35
C ASN B 67 -16.04 10.42 -11.60
N ASP B 68 -15.41 9.63 -12.46
CA ASP B 68 -14.72 10.16 -13.63
C ASP B 68 -13.69 11.18 -13.24
N TYR B 69 -13.05 11.00 -12.10
CA TYR B 69 -11.88 11.79 -11.74
C TYR B 69 -10.88 11.72 -12.89
N THR B 70 -10.28 12.87 -13.20
CA THR B 70 -9.44 13.06 -14.37
C THR B 70 -8.09 13.66 -13.96
N VAL B 71 -7.01 13.04 -14.44
CA VAL B 71 -5.69 13.55 -14.15
C VAL B 71 -4.87 13.49 -15.44
N TRP B 72 -4.02 14.49 -15.64
CA TRP B 72 -3.01 14.45 -16.69
C TRP B 72 -1.58 14.63 -16.11
N GLU B 73 -0.58 14.71 -16.99
CA GLU B 73 0.85 14.42 -16.68
C GLU B 73 1.04 12.92 -16.41
N SER B 74 1.69 12.24 -17.37
CA SER B 74 1.83 10.78 -17.31
C SER B 74 2.39 10.23 -15.98
N ASN B 75 3.37 10.89 -15.37
CA ASN B 75 3.92 10.35 -14.13
C ASN B 75 2.99 10.61 -12.93
N ALA B 76 2.19 11.66 -13.04
CA ALA B 76 1.14 11.84 -12.04
C ALA B 76 0.05 10.75 -12.24
N ILE B 77 -0.24 10.42 -13.51
CA ILE B 77 -1.28 9.44 -13.80
C ILE B 77 -0.87 8.10 -13.21
N ILE B 78 0.40 7.79 -13.47
CA ILE B 78 1.01 6.56 -13.02
C ILE B 78 1.01 6.49 -11.49
N GLN B 79 1.35 7.60 -10.83
CA GLN B 79 1.32 7.60 -9.36
C GLN B 79 -0.07 7.26 -8.87
N TYR B 80 -1.08 7.81 -9.56
CA TYR B 80 -2.46 7.60 -9.17
C TYR B 80 -2.84 6.13 -9.29
N LEU B 81 -2.43 5.52 -10.40
CA LEU B 81 -2.75 4.12 -10.63
C LEU B 81 -2.11 3.23 -9.56
N VAL B 82 -0.84 3.48 -9.24
CA VAL B 82 -0.24 2.55 -8.28
C VAL B 82 -0.72 2.79 -6.86
N ASP B 83 -0.84 4.05 -6.47
CA ASP B 83 -1.24 4.32 -5.10
C ASP B 83 -2.66 3.78 -4.85
N LYS B 84 -3.54 3.91 -5.84
CA LYS B 84 -4.90 3.43 -5.60
C LYS B 84 -5.13 1.96 -5.94
N TYR B 85 -4.41 1.47 -6.92
CA TYR B 85 -4.74 0.17 -7.48
C TYR B 85 -3.61 -0.85 -7.44
N ASP B 86 -2.51 -0.51 -6.79
CA ASP B 86 -1.46 -1.49 -6.59
C ASP B 86 -1.30 -1.73 -5.10
N LYS B 87 -2.40 -2.03 -4.42
CA LYS B 87 -2.35 -2.38 -2.98
C LYS B 87 -1.48 -3.61 -2.72
N ASP B 88 -1.38 -4.49 -3.71
CA ASP B 88 -0.48 -5.63 -3.60
C ASP B 88 1.03 -5.29 -3.75
N ARG B 89 1.32 -4.04 -4.18
CA ARG B 89 2.70 -3.54 -4.32
C ARG B 89 3.51 -4.43 -5.24
N LYS B 90 2.85 -4.88 -6.29
CA LYS B 90 3.47 -5.71 -7.31
C LYS B 90 4.50 -4.91 -8.10
N VAL B 91 4.24 -3.62 -8.31
CA VAL B 91 5.17 -2.82 -9.09
C VAL B 91 5.37 -1.44 -8.48
N SER B 92 5.27 -1.32 -7.16
CA SER B 92 5.35 0.00 -6.56
C SER B 92 5.62 -0.13 -5.06
N VAL B 93 6.15 0.91 -4.42
CA VAL B 93 6.29 0.93 -2.97
C VAL B 93 5.14 1.68 -2.27
N ALA B 94 5.06 1.59 -0.95
CA ALA B 94 3.90 2.13 -0.26
C ALA B 94 3.98 3.63 -0.05
N PRO B 95 2.84 4.30 -0.22
CA PRO B 95 2.69 5.72 0.13
C PRO B 95 3.11 5.93 1.58
N GLY B 96 3.86 7.00 1.85
CA GLY B 96 4.15 7.37 3.22
C GLY B 96 5.47 6.81 3.73
N THR B 97 6.19 6.07 2.89
CA THR B 97 7.48 5.51 3.28
C THR B 97 8.58 6.29 2.59
N ASN B 98 9.78 6.28 3.17
CA ASN B 98 10.92 6.89 2.52
C ASN B 98 11.08 6.43 1.08
N GLU B 99 10.87 5.13 0.88
CA GLU B 99 11.03 4.50 -0.42
C GLU B 99 10.10 5.20 -1.43
N TYR B 100 8.91 5.58 -0.98
CA TYR B 100 7.96 6.28 -1.85
C TYR B 100 8.59 7.55 -2.39
N TYR B 101 9.30 8.28 -1.55
CA TYR B 101 9.88 9.55 -2.02
C TYR B 101 11.11 9.32 -2.87
N THR B 102 11.74 8.16 -2.68
CA THR B 102 12.84 7.79 -3.60
C THR B 102 12.28 7.40 -5.00
N GLN B 103 11.17 6.65 -5.00
CA GLN B 103 10.40 6.33 -6.21
C GLN B 103 10.01 7.63 -6.93
N LEU B 104 9.60 8.61 -6.13
CA LEU B 104 9.06 9.82 -6.70
C LEU B 104 10.20 10.63 -7.31
N GLN B 105 11.33 10.62 -6.62
CA GLN B 105 12.51 11.33 -7.10
C GLN B 105 12.92 10.81 -8.47
N TRP B 106 12.97 9.49 -8.63
CA TRP B 106 13.24 8.93 -9.96
C TRP B 106 12.16 9.26 -11.01
N LEU B 107 10.90 9.28 -10.60
CA LEU B 107 9.85 9.63 -11.57
C LEU B 107 10.03 11.06 -12.05
N TYR B 108 10.47 11.94 -11.16
CA TYR B 108 10.79 13.30 -11.61
C TYR B 108 12.01 13.35 -12.49
N PHE B 109 13.02 12.52 -12.16
CA PHE B 109 14.23 12.54 -12.98
C PHE B 109 13.86 12.08 -14.41
N GLN B 110 13.05 11.05 -14.50
CA GLN B 110 12.59 10.54 -15.80
C GLN B 110 11.85 11.65 -16.55
N ALA B 111 10.90 12.32 -15.88
CA ALA B 111 10.12 13.35 -16.62
C ALA B 111 10.99 14.52 -17.11
N SER B 112 12.00 14.88 -16.30
CA SER B 112 12.89 16.00 -16.63
C SER B 112 13.81 15.60 -17.76
N GLY B 113 14.16 14.31 -17.79
CA GLY B 113 15.10 13.78 -18.77
C GLY B 113 14.47 13.36 -20.08
N GLN B 114 13.15 13.23 -20.13
CA GLN B 114 12.53 12.81 -21.38
C GLN B 114 12.44 13.99 -22.34
N GLY B 115 12.55 15.20 -21.80
CA GLY B 115 12.55 16.41 -22.61
C GLY B 115 13.96 16.90 -22.90
N ARG B 140 22.93 12.76 -28.37
CA ARG B 140 23.30 13.98 -27.67
C ARG B 140 23.94 13.65 -26.31
N ASN B 141 24.48 14.68 -25.67
CA ASN B 141 25.05 14.57 -24.34
C ASN B 141 23.99 14.45 -23.28
N GLU B 142 22.78 14.92 -23.56
CA GLU B 142 21.72 14.85 -22.55
C GLU B 142 21.38 13.41 -22.28
N ILE B 143 21.23 12.65 -23.36
CA ILE B 143 20.93 11.24 -23.30
C ILE B 143 22.00 10.51 -22.48
N LYS B 144 23.25 10.80 -22.79
CA LYS B 144 24.40 10.19 -22.12
C LYS B 144 24.48 10.58 -20.66
N ARG B 145 24.09 11.81 -20.35
CA ARG B 145 24.05 12.26 -18.96
C ARG B 145 22.97 11.51 -18.17
N VAL B 146 21.77 11.39 -18.75
CA VAL B 146 20.69 10.60 -18.13
C VAL B 146 21.13 9.15 -17.89
N LEU B 147 21.66 8.56 -18.94
CA LEU B 147 22.16 7.20 -18.87
C LEU B 147 23.27 7.08 -17.83
N GLY B 148 24.09 8.13 -17.69
CA GLY B 148 25.21 8.11 -16.78
C GLY B 148 24.72 8.03 -15.35
N VAL B 149 23.68 8.81 -15.05
CA VAL B 149 23.08 8.75 -13.72
C VAL B 149 22.51 7.35 -13.47
N LEU B 150 21.76 6.86 -14.44
CA LEU B 150 21.16 5.54 -14.33
C LEU B 150 22.23 4.47 -14.06
N GLU B 151 23.25 4.39 -14.91
CA GLU B 151 24.37 3.46 -14.78
C GLU B 151 25.03 3.60 -13.41
N SER B 152 25.23 4.82 -12.96
CA SER B 152 25.87 5.06 -11.67
C SER B 152 25.05 4.39 -10.53
N VAL B 153 23.74 4.29 -10.71
CA VAL B 153 22.94 3.56 -9.71
C VAL B 153 22.80 2.05 -9.95
N LEU B 154 22.59 1.67 -11.20
CA LEU B 154 22.17 0.33 -11.56
C LEU B 154 23.37 -0.60 -11.55
N SER B 155 24.57 -0.05 -11.52
CA SER B 155 25.78 -0.87 -11.47
C SER B 155 25.96 -1.36 -10.05
N LYS B 156 25.20 -0.76 -9.13
CA LYS B 156 25.41 -0.98 -7.69
C LYS B 156 24.21 -1.64 -7.01
N GLN B 157 23.06 -1.57 -7.68
CA GLN B 157 21.86 -2.23 -7.18
C GLN B 157 20.97 -2.64 -8.37
N GLU B 158 20.08 -3.60 -8.13
CA GLU B 158 19.35 -4.24 -9.20
C GLU B 158 18.34 -3.32 -9.90
N PHE B 159 17.64 -2.49 -9.13
CA PHE B 159 16.59 -1.61 -9.64
C PHE B 159 16.73 -0.20 -9.06
N LEU B 160 15.96 0.79 -9.55
CA LEU B 160 16.18 2.17 -9.10
C LEU B 160 15.85 2.37 -7.62
N VAL B 161 14.86 1.63 -7.13
CA VAL B 161 14.52 1.68 -5.71
C VAL B 161 14.39 0.29 -5.08
N ASP B 162 15.22 0.03 -4.08
CA ASP B 162 15.30 -1.29 -3.42
C ASP B 162 15.86 -2.29 -4.42
N GLY B 163 15.34 -3.52 -4.32
CA GLY B 163 15.66 -4.59 -5.24
C GLY B 163 14.33 -5.13 -5.74
N LYS B 164 13.47 -4.20 -6.16
CA LYS B 164 12.19 -4.53 -6.76
C LYS B 164 11.98 -3.61 -7.97
N ALA B 165 11.63 -4.22 -9.10
CA ALA B 165 11.10 -3.47 -10.24
C ALA B 165 9.88 -2.64 -9.82
N THR B 166 9.90 -1.34 -10.14
CA THR B 166 8.73 -0.51 -9.92
C THR B 166 8.45 0.34 -11.14
N VAL B 167 7.40 1.16 -11.04
CA VAL B 167 7.10 2.15 -12.04
C VAL B 167 8.24 3.16 -12.23
N ALA B 168 9.11 3.32 -11.23
CA ALA B 168 10.31 4.15 -11.42
C ALA B 168 11.12 3.58 -12.61
N ASP B 169 11.42 2.29 -12.58
CA ASP B 169 12.13 1.67 -13.70
C ASP B 169 11.31 1.76 -15.01
N PHE B 170 10.03 1.40 -14.95
CA PHE B 170 9.22 1.27 -16.14
C PHE B 170 9.13 2.62 -16.86
N SER B 171 9.20 3.71 -16.10
CA SER B 171 8.90 5.02 -16.66
C SER B 171 9.91 5.39 -17.76
N PHE B 172 11.11 4.80 -17.68
CA PHE B 172 12.19 5.06 -18.66
C PHE B 172 12.10 4.24 -19.95
N LEU B 173 11.30 3.17 -19.95
CA LEU B 173 11.31 2.25 -21.07
C LEU B 173 11.05 2.89 -22.45
N PRO B 174 9.92 3.60 -22.63
CA PRO B 174 9.69 4.11 -24.00
C PRO B 174 10.80 5.07 -24.40
N TRP B 175 11.20 5.96 -23.49
CA TRP B 175 12.24 6.93 -23.78
C TRP B 175 13.57 6.23 -24.13
N ASN B 176 13.87 5.18 -23.37
CA ASN B 176 15.11 4.42 -23.51
C ASN B 176 15.11 3.57 -24.76
N GLU B 177 13.92 3.16 -25.20
CA GLU B 177 13.78 2.41 -26.43
C GLU B 177 13.82 3.38 -27.64
N GLY B 178 14.01 4.66 -27.35
CA GLY B 178 14.34 5.64 -28.36
C GLY B 178 15.83 5.96 -28.31
N ALA B 179 16.37 6.07 -27.10
CA ALA B 179 17.79 6.36 -26.89
C ALA B 179 18.69 5.17 -27.26
N ALA B 180 18.73 4.85 -28.55
CA ALA B 180 19.61 3.83 -29.10
C ALA B 180 19.53 3.82 -30.64
N GLN B 188 27.75 -0.78 -27.92
CA GLN B 188 27.64 0.64 -28.19
C GLN B 188 26.84 1.32 -27.08
N PHE B 189 25.77 0.63 -26.66
CA PHE B 189 24.92 1.03 -25.54
C PHE B 189 25.32 0.10 -24.40
N GLU B 190 25.44 -1.18 -24.75
CA GLU B 190 25.84 -2.23 -23.83
C GLU B 190 27.31 -2.10 -23.46
N GLU B 191 28.04 -1.29 -24.22
CA GLU B 191 29.48 -1.10 -24.04
C GLU B 191 29.78 -0.05 -23.02
N GLU B 192 29.02 1.03 -23.10
CA GLU B 192 29.25 2.21 -22.30
C GLU B 192 28.36 2.20 -21.06
N PHE B 193 27.20 1.56 -21.18
CA PHE B 193 26.25 1.49 -20.07
C PHE B 193 25.70 0.09 -19.85
N PRO B 194 26.60 -0.88 -19.54
CA PRO B 194 26.21 -2.29 -19.52
C PRO B 194 25.13 -2.62 -18.51
N ALA B 195 25.24 -2.09 -17.29
CA ALA B 195 24.22 -2.35 -16.26
C ALA B 195 22.86 -1.82 -16.69
N THR B 196 22.89 -0.68 -17.35
CA THR B 196 21.63 -0.07 -17.76
C THR B 196 21.06 -0.87 -18.92
N ALA B 197 21.93 -1.31 -19.83
CA ALA B 197 21.47 -2.06 -20.98
C ALA B 197 20.79 -3.36 -20.53
N LYS B 198 21.42 -4.03 -19.56
CA LYS B 198 20.93 -5.31 -19.07
C LYS B 198 19.61 -5.15 -18.34
N TRP B 199 19.53 -4.13 -17.50
CA TRP B 199 18.30 -3.82 -16.76
C TRP B 199 17.14 -3.52 -17.71
N HIS B 200 17.47 -2.82 -18.79
CA HIS B 200 16.46 -2.40 -19.74
C HIS B 200 15.92 -3.64 -20.44
N LYS B 201 16.85 -4.45 -20.93
CA LYS B 201 16.52 -5.70 -21.61
C LYS B 201 15.62 -6.60 -20.74
N LYS B 202 15.97 -6.70 -19.45
CA LYS B 202 15.22 -7.53 -18.52
C LYS B 202 13.83 -6.97 -18.24
N LEU B 203 13.72 -5.65 -18.17
CA LEU B 203 12.40 -5.03 -18.03
C LEU B 203 11.50 -5.38 -19.23
N LEU B 204 12.07 -5.35 -20.44
CA LEU B 204 11.32 -5.70 -21.66
C LEU B 204 10.78 -7.15 -21.64
N GLU B 205 11.42 -8.02 -20.88
CA GLU B 205 11.03 -9.43 -20.85
C GLU B 205 9.92 -9.77 -19.86
N ARG B 206 9.50 -8.80 -19.06
CA ARG B 206 8.33 -8.99 -18.23
C ARG B 206 7.11 -9.16 -19.14
N PRO B 207 6.29 -10.18 -18.88
CA PRO B 207 5.17 -10.55 -19.79
C PRO B 207 4.25 -9.38 -20.14
N ALA B 208 3.77 -8.62 -19.14
CA ALA B 208 2.93 -7.46 -19.43
C ALA B 208 3.59 -6.46 -20.38
N ILE B 209 4.87 -6.20 -20.15
CA ILE B 209 5.61 -5.24 -20.95
C ILE B 209 5.87 -5.78 -22.34
N ALA B 210 6.07 -7.08 -22.45
CA ALA B 210 6.31 -7.69 -23.75
C ALA B 210 5.02 -7.62 -24.60
N LYS B 211 3.89 -7.86 -23.94
CA LYS B 211 2.59 -7.71 -24.59
C LYS B 211 2.38 -6.28 -25.11
N VAL B 212 2.60 -5.31 -24.22
CA VAL B 212 2.44 -3.91 -24.62
C VAL B 212 3.36 -3.59 -25.80
N TRP B 213 4.58 -4.09 -25.72
CA TRP B 213 5.59 -3.85 -26.74
C TRP B 213 5.15 -4.42 -28.08
N GLU B 214 4.44 -5.55 -28.06
CA GLU B 214 3.85 -6.07 -29.30
C GLU B 214 2.80 -5.12 -29.84
N GLU B 215 1.84 -4.73 -29.00
CA GLU B 215 0.82 -3.77 -29.42
C GLU B 215 1.44 -2.48 -29.96
N ARG B 216 2.64 -2.16 -29.47
CA ARG B 216 3.34 -0.94 -29.87
C ARG B 216 3.78 -0.95 -31.35
N ALA B 217 3.54 -2.06 -32.05
CA ALA B 217 3.90 -2.17 -33.45
C ALA B 217 2.89 -3.02 -34.23
N GLY C 4 15.79 2.06 21.12
CA GLY C 4 14.68 1.52 21.91
C GLY C 4 13.82 0.54 21.14
N LYS C 5 13.71 -0.69 21.61
CA LYS C 5 13.06 -1.73 20.82
C LYS C 5 11.55 -1.54 20.71
N GLN C 6 11.01 -1.72 19.50
CA GLN C 6 9.60 -1.46 19.24
C GLN C 6 8.68 -2.52 19.85
N PHE C 7 9.17 -3.74 19.94
CA PHE C 7 8.30 -4.83 20.35
C PHE C 7 8.83 -5.56 21.58
N THR C 8 7.91 -6.10 22.37
CA THR C 8 8.28 -7.06 23.41
C THR C 8 7.50 -8.33 23.14
N LEU C 9 8.20 -9.47 23.19
CA LEU C 9 7.58 -10.74 22.86
C LEU C 9 7.81 -11.75 23.97
N TYR C 10 6.73 -12.14 24.64
CA TYR C 10 6.81 -13.19 25.66
C TYR C 10 6.58 -14.54 25.01
N THR C 11 7.57 -15.40 25.06
CA THR C 11 7.44 -16.73 24.45
C THR C 11 7.82 -17.79 25.47
N HIS C 12 7.94 -19.04 25.03
CA HIS C 12 8.38 -20.10 25.94
C HIS C 12 9.90 -20.27 25.86
N LYS C 13 10.39 -21.09 24.92
CA LYS C 13 11.83 -21.21 24.68
C LYS C 13 12.14 -22.06 23.45
N GLY C 14 11.34 -23.10 23.26
CA GLY C 14 11.47 -23.98 22.11
C GLY C 14 10.10 -24.25 21.52
N GLY C 15 9.10 -23.56 22.05
CA GLY C 15 7.77 -23.61 21.48
C GLY C 15 7.77 -23.00 20.09
N PRO C 16 7.06 -23.64 19.16
CA PRO C 16 7.13 -23.25 17.74
C PRO C 16 6.48 -21.90 17.46
N ASN C 17 5.42 -21.55 18.19
CA ASN C 17 4.70 -20.31 17.96
C ASN C 17 5.57 -19.08 18.16
N GLY C 18 6.30 -19.06 19.26
CA GLY C 18 7.27 -18.02 19.52
C GLY C 18 8.14 -17.83 18.30
N TRP C 19 8.70 -18.94 17.81
CA TRP C 19 9.56 -18.90 16.64
C TRP C 19 8.85 -18.39 15.38
N LYS C 20 7.56 -18.71 15.20
CA LYS C 20 6.80 -18.12 14.09
C LYS C 20 6.78 -16.61 14.18
N VAL C 21 6.42 -16.10 15.35
CA VAL C 21 6.32 -14.67 15.53
C VAL C 21 7.67 -14.06 15.25
N THR C 22 8.72 -14.69 15.77
CA THR C 22 10.08 -14.23 15.57
C THR C 22 10.51 -14.18 14.09
N ILE C 23 10.20 -15.25 13.35
CA ILE C 23 10.41 -15.30 11.91
C ILE C 23 9.75 -14.10 11.25
N VAL C 24 8.48 -13.84 11.59
CA VAL C 24 7.81 -12.68 11.00
C VAL C 24 8.48 -11.33 11.36
N LEU C 25 8.80 -11.15 12.64
CA LEU C 25 9.50 -9.94 13.10
C LEU C 25 10.77 -9.69 12.29
N GLU C 26 11.55 -10.76 12.15
CA GLU C 26 12.81 -10.71 11.40
C GLU C 26 12.60 -10.40 9.91
N GLU C 27 11.66 -11.08 9.27
CA GLU C 27 11.40 -10.85 7.86
C GLU C 27 11.03 -9.39 7.61
N LEU C 28 10.35 -8.80 8.60
CA LEU C 28 9.92 -7.41 8.50
C LEU C 28 10.96 -6.42 8.99
N GLY C 29 12.10 -6.90 9.50
CA GLY C 29 13.15 -6.00 9.96
C GLY C 29 12.76 -5.18 11.18
N LEU C 30 11.85 -5.72 12.00
CA LEU C 30 11.38 -5.02 13.20
C LEU C 30 12.21 -5.30 14.46
N THR C 31 12.29 -4.32 15.36
CA THR C 31 13.06 -4.47 16.59
C THR C 31 12.23 -5.17 17.67
N TYR C 32 12.86 -6.07 18.41
CA TYR C 32 12.11 -6.80 19.42
C TYR C 32 12.96 -7.35 20.58
N GLU C 33 12.49 -7.11 21.80
CA GLU C 33 13.08 -7.72 22.99
C GLU C 33 12.35 -9.04 23.25
N SER C 34 13.12 -10.12 23.23
CA SER C 34 12.55 -11.44 23.43
C SER C 34 12.63 -11.84 24.91
N ILE C 35 11.49 -12.25 25.47
CA ILE C 35 11.38 -12.62 26.86
C ILE C 35 10.83 -14.02 27.03
N PHE C 36 11.69 -14.93 27.49
CA PHE C 36 11.36 -16.35 27.59
C PHE C 36 10.83 -16.69 28.99
N LEU C 37 9.80 -17.55 29.05
CA LEU C 37 9.22 -18.04 30.31
C LEU C 37 8.21 -19.18 30.09
N ILE C 58 0.28 -19.00 25.42
CA ILE C 58 0.48 -17.58 25.21
C ILE C 58 1.92 -17.22 24.91
N PRO C 59 2.24 -17.11 23.60
CA PRO C 59 3.13 -16.03 23.23
C PRO C 59 2.24 -14.80 23.12
N ALA C 60 2.73 -13.64 23.56
CA ALA C 60 1.97 -12.40 23.44
C ALA C 60 2.88 -11.27 22.97
N LEU C 61 2.30 -10.28 22.31
CA LEU C 61 3.09 -9.24 21.64
C LEU C 61 2.68 -7.83 22.08
N ILE C 62 3.65 -7.06 22.58
CA ILE C 62 3.40 -5.67 22.99
C ILE C 62 4.10 -4.69 22.07
N ASP C 63 3.32 -3.79 21.47
CA ASP C 63 3.79 -2.81 20.49
C ASP C 63 3.92 -1.45 21.16
N HIS C 64 5.15 -1.07 21.49
CA HIS C 64 5.42 0.18 22.21
C HIS C 64 5.27 1.41 21.32
N LYS C 65 5.04 1.17 20.03
CA LYS C 65 4.76 2.26 19.11
C LYS C 65 3.26 2.33 18.87
N ASN C 66 2.52 1.45 19.52
CA ASN C 66 1.07 1.50 19.42
C ASN C 66 0.44 1.48 20.81
N ASN C 67 0.97 2.34 21.69
CA ASN C 67 0.41 2.54 23.03
C ASN C 67 0.50 1.26 23.85
N ASP C 68 1.53 0.47 23.56
CA ASP C 68 1.73 -0.82 24.20
C ASP C 68 0.55 -1.74 23.98
N TYR C 69 -0.15 -1.54 22.86
CA TYR C 69 -1.23 -2.44 22.43
C TYR C 69 -0.71 -3.87 22.45
N THR C 70 -1.53 -4.79 22.93
CA THR C 70 -1.09 -6.16 23.16
C THR C 70 -1.97 -7.21 22.48
N VAL C 71 -1.34 -8.21 21.89
CA VAL C 71 -2.10 -9.23 21.15
C VAL C 71 -1.52 -10.63 21.35
N TRP C 72 -2.36 -11.58 21.74
CA TRP C 72 -1.91 -12.97 21.81
C TRP C 72 -2.53 -13.78 20.69
N GLU C 73 -2.35 -15.10 20.72
CA GLU C 73 -2.61 -15.97 19.56
C GLU C 73 -1.60 -15.67 18.46
N SER C 74 -0.76 -16.67 18.14
CA SER C 74 0.37 -16.49 17.22
C SER C 74 0.00 -16.00 15.81
N ASN C 75 -0.98 -16.63 15.17
CA ASN C 75 -1.39 -16.19 13.83
C ASN C 75 -2.13 -14.85 13.82
N ALA C 76 -2.77 -14.48 14.94
CA ALA C 76 -3.35 -13.13 15.07
C ALA C 76 -2.23 -12.09 15.17
N ILE C 77 -1.21 -12.39 15.98
CA ILE C 77 -0.02 -11.57 16.11
C ILE C 77 0.67 -11.35 14.77
N ILE C 78 0.88 -12.44 14.06
CA ILE C 78 1.43 -12.40 12.70
C ILE C 78 0.59 -11.51 11.76
N GLN C 79 -0.73 -11.66 11.83
CA GLN C 79 -1.61 -10.87 10.96
C GLN C 79 -1.41 -9.38 11.24
N TYR C 80 -1.48 -9.04 12.53
CA TYR C 80 -1.25 -7.69 13.00
C TYR C 80 0.06 -7.13 12.44
N LEU C 81 1.14 -7.89 12.59
CA LEU C 81 2.47 -7.45 12.15
C LEU C 81 2.54 -7.16 10.65
N VAL C 82 2.01 -8.06 9.82
CA VAL C 82 2.10 -7.79 8.38
C VAL C 82 1.15 -6.71 7.90
N ASP C 83 -0.06 -6.70 8.44
CA ASP C 83 -1.05 -5.71 8.03
C ASP C 83 -0.57 -4.30 8.38
N LYS C 84 0.01 -4.16 9.55
CA LYS C 84 0.38 -2.85 10.03
C LYS C 84 1.81 -2.47 9.59
N TYR C 85 2.67 -3.47 9.39
CA TYR C 85 4.09 -3.20 9.14
C TYR C 85 4.70 -3.90 7.90
N ASP C 86 3.90 -4.55 7.08
CA ASP C 86 4.44 -5.01 5.79
C ASP C 86 3.73 -4.24 4.66
N LYS C 87 3.76 -2.91 4.75
CA LYS C 87 3.03 -2.03 3.83
C LYS C 87 3.54 -2.22 2.42
N ASP C 88 4.80 -2.64 2.34
CA ASP C 88 5.40 -2.96 1.06
C ASP C 88 5.08 -4.36 0.58
N ARG C 89 4.37 -5.13 1.41
CA ARG C 89 3.87 -6.45 1.01
C ARG C 89 4.99 -7.42 0.57
N LYS C 90 6.11 -7.40 1.27
CA LYS C 90 7.20 -8.34 1.01
C LYS C 90 6.80 -9.81 1.29
N VAL C 91 6.03 -10.03 2.35
CA VAL C 91 5.71 -11.39 2.80
C VAL C 91 4.22 -11.55 3.14
N SER C 92 3.38 -10.72 2.54
CA SER C 92 1.95 -10.72 2.85
C SER C 92 1.19 -10.04 1.74
N VAL C 93 -0.09 -10.35 1.60
CA VAL C 93 -0.93 -9.72 0.58
C VAL C 93 -1.80 -8.60 1.18
N ALA C 94 -2.39 -7.77 0.34
CA ALA C 94 -3.08 -6.58 0.82
C ALA C 94 -4.36 -6.94 1.56
N PRO C 95 -4.57 -6.33 2.73
CA PRO C 95 -5.87 -6.43 3.39
C PRO C 95 -6.97 -6.00 2.43
N GLY C 96 -8.14 -6.64 2.51
CA GLY C 96 -9.24 -6.26 1.65
C GLY C 96 -9.41 -7.22 0.49
N THR C 97 -8.30 -7.54 -0.17
CA THR C 97 -8.30 -8.36 -1.37
C THR C 97 -8.77 -9.77 -1.07
N ASN C 98 -9.12 -10.54 -2.11
CA ASN C 98 -9.52 -11.92 -1.94
C ASN C 98 -8.36 -12.77 -1.47
N GLU C 99 -7.17 -12.43 -1.96
CA GLU C 99 -5.99 -13.21 -1.65
C GLU C 99 -5.72 -13.13 -0.16
N TYR C 100 -6.15 -12.02 0.45
CA TYR C 100 -6.00 -11.83 1.88
C TYR C 100 -6.73 -12.91 2.65
N TYR C 101 -7.94 -13.22 2.22
CA TYR C 101 -8.77 -14.23 2.85
C TYR C 101 -8.31 -15.63 2.51
N THR C 102 -7.63 -15.78 1.37
CA THR C 102 -6.98 -17.08 1.12
C THR C 102 -5.83 -17.28 2.11
N GLN C 103 -5.02 -16.24 2.24
CA GLN C 103 -3.96 -16.17 3.24
C GLN C 103 -4.48 -16.55 4.63
N LEU C 104 -5.58 -15.92 5.02
CA LEU C 104 -6.19 -16.12 6.33
C LEU C 104 -6.61 -17.57 6.47
N GLN C 105 -7.29 -18.07 5.44
CA GLN C 105 -7.71 -19.47 5.40
C GLN C 105 -6.51 -20.41 5.69
N TRP C 106 -5.37 -20.14 5.07
CA TRP C 106 -4.18 -20.97 5.36
C TRP C 106 -3.72 -20.84 6.80
N LEU C 107 -3.80 -19.63 7.32
CA LEU C 107 -3.39 -19.40 8.70
C LEU C 107 -4.26 -20.16 9.71
N TYR C 108 -5.57 -20.19 9.46
CA TYR C 108 -6.47 -20.93 10.32
C TYR C 108 -6.22 -22.41 10.20
N PHE C 109 -5.94 -22.85 8.98
CA PHE C 109 -5.66 -24.26 8.74
C PHE C 109 -4.43 -24.71 9.53
N GLN C 110 -3.38 -23.90 9.46
CA GLN C 110 -2.15 -24.16 10.21
C GLN C 110 -2.46 -24.20 11.69
N ALA C 111 -3.23 -23.23 12.15
CA ALA C 111 -3.63 -23.14 13.54
C ALA C 111 -4.39 -24.38 14.05
N SER C 112 -5.25 -24.95 13.20
CA SER C 112 -6.04 -26.12 13.60
C SER C 112 -5.11 -27.34 13.71
N GLY C 113 -4.30 -27.55 12.68
CA GLY C 113 -3.23 -28.52 12.74
C GLY C 113 -2.10 -27.94 13.56
N ASN C 141 -3.95 -42.10 11.94
CA ASN C 141 -2.86 -41.46 12.68
C ASN C 141 -1.67 -41.15 11.75
N GLU C 142 -1.44 -39.87 11.46
CA GLU C 142 -2.22 -38.77 11.99
C GLU C 142 -2.22 -37.60 11.04
N ILE C 143 -1.41 -36.57 11.37
CA ILE C 143 -1.06 -35.43 10.53
C ILE C 143 -1.29 -35.63 9.04
N LYS C 144 -0.29 -36.21 8.38
CA LYS C 144 -0.31 -36.69 6.99
C LYS C 144 -1.40 -36.17 6.05
N ARG C 145 -2.64 -36.25 6.49
CA ARG C 145 -3.79 -35.62 5.83
C ARG C 145 -3.51 -34.15 5.53
N VAL C 146 -3.00 -33.45 6.54
CA VAL C 146 -2.54 -32.07 6.42
C VAL C 146 -1.52 -31.95 5.29
N LEU C 147 -0.47 -32.75 5.38
CA LEU C 147 0.57 -32.81 4.37
C LEU C 147 -0.03 -33.16 3.01
N GLY C 148 -1.09 -33.96 3.02
CA GLY C 148 -1.81 -34.28 1.80
C GLY C 148 -2.42 -33.05 1.17
N VAL C 149 -3.11 -32.24 1.96
CA VAL C 149 -3.69 -30.97 1.52
C VAL C 149 -2.61 -30.06 0.92
N LEU C 150 -1.58 -29.83 1.73
CA LEU C 150 -0.45 -29.02 1.31
C LEU C 150 0.06 -29.48 -0.04
N GLU C 151 0.38 -30.76 -0.16
CA GLU C 151 0.93 -31.31 -1.39
C GLU C 151 -0.07 -31.13 -2.53
N SER C 152 -1.35 -31.26 -2.21
CA SER C 152 -2.39 -31.11 -3.22
C SER C 152 -2.41 -29.69 -3.77
N VAL C 153 -1.83 -28.76 -3.02
CA VAL C 153 -1.66 -27.39 -3.50
C VAL C 153 -0.30 -27.14 -4.17
N LEU C 154 0.76 -27.36 -3.40
CA LEU C 154 2.13 -27.05 -3.79
C LEU C 154 2.63 -27.81 -5.02
N SER C 155 1.98 -28.92 -5.34
CA SER C 155 2.37 -29.71 -6.49
C SER C 155 2.00 -28.99 -7.77
N LYS C 156 1.24 -27.92 -7.63
CA LYS C 156 0.68 -27.22 -8.78
C LYS C 156 1.03 -25.73 -8.79
N GLN C 157 1.30 -25.17 -7.61
CA GLN C 157 1.72 -23.77 -7.52
C GLN C 157 2.87 -23.63 -6.55
N GLU C 158 3.65 -22.58 -6.71
CA GLU C 158 4.88 -22.42 -5.93
C GLU C 158 4.62 -22.19 -4.44
N PHE C 159 3.59 -21.42 -4.11
CA PHE C 159 3.27 -21.13 -2.70
C PHE C 159 1.79 -21.28 -2.40
N LEU C 160 1.43 -21.19 -1.11
CA LEU C 160 0.05 -21.38 -0.66
C LEU C 160 -0.88 -20.31 -1.20
N VAL C 161 -0.44 -19.05 -1.14
CA VAL C 161 -1.20 -17.98 -1.75
C VAL C 161 -0.52 -17.56 -3.06
N ASP C 162 -0.70 -18.45 -4.05
CA ASP C 162 -0.26 -18.29 -5.45
C ASP C 162 1.14 -17.72 -5.70
N GLY C 163 1.19 -16.42 -5.99
CA GLY C 163 2.40 -15.78 -6.50
C GLY C 163 3.66 -15.87 -5.66
N LYS C 164 3.57 -15.55 -4.37
CA LYS C 164 4.77 -15.36 -3.58
C LYS C 164 4.71 -16.00 -2.22
N ALA C 165 5.86 -16.06 -1.57
CA ALA C 165 5.98 -16.51 -0.20
C ALA C 165 5.32 -15.50 0.75
N THR C 166 4.43 -15.98 1.61
CA THR C 166 3.85 -15.13 2.64
C THR C 166 3.94 -15.75 4.03
N VAL C 167 3.36 -15.02 4.98
CA VAL C 167 3.21 -15.55 6.33
C VAL C 167 2.41 -16.85 6.37
N ALA C 168 1.61 -17.08 5.32
CA ALA C 168 0.83 -18.31 5.25
C ALA C 168 1.80 -19.50 5.16
N ASP C 169 2.82 -19.37 4.31
CA ASP C 169 3.82 -20.43 4.21
C ASP C 169 4.67 -20.50 5.48
N PHE C 170 5.10 -19.35 5.99
CA PHE C 170 5.96 -19.32 7.17
C PHE C 170 5.31 -19.98 8.38
N SER C 171 3.98 -19.84 8.49
CA SER C 171 3.29 -20.31 9.69
C SER C 171 3.42 -21.83 9.92
N PHE C 172 3.84 -22.55 8.87
CA PHE C 172 4.02 -24.00 8.97
C PHE C 172 5.45 -24.42 9.24
N LEU C 173 6.37 -23.46 9.23
CA LEU C 173 7.79 -23.78 9.32
C LEU C 173 8.21 -24.54 10.58
N PRO C 174 7.99 -23.93 11.76
CA PRO C 174 8.50 -24.66 12.93
C PRO C 174 7.60 -25.84 13.28
N TRP C 175 6.65 -26.16 12.40
CA TRP C 175 5.73 -27.29 12.54
C TRP C 175 4.88 -27.24 13.81
N GLU C 190 9.53 -39.04 4.65
CA GLU C 190 9.14 -38.42 3.40
C GLU C 190 9.53 -39.25 2.15
N GLU C 191 8.57 -39.32 1.22
CA GLU C 191 8.70 -40.01 -0.06
C GLU C 191 7.36 -39.72 -0.70
N GLU C 192 6.35 -39.75 0.15
CA GLU C 192 4.97 -39.47 -0.21
C GLU C 192 4.79 -37.97 -0.44
N PHE C 193 5.65 -37.17 0.17
CA PHE C 193 5.42 -35.72 0.21
C PHE C 193 6.60 -34.86 -0.31
N PRO C 194 6.87 -34.92 -1.63
CA PRO C 194 8.01 -34.19 -2.23
C PRO C 194 7.86 -32.67 -2.24
N ALA C 195 7.03 -32.13 -3.14
CA ALA C 195 6.83 -30.67 -3.30
C ALA C 195 6.74 -29.88 -2.00
N THR C 196 6.07 -30.44 -0.99
CA THR C 196 6.03 -29.84 0.33
C THR C 196 7.43 -29.73 0.92
N ALA C 197 8.13 -30.86 0.98
CA ALA C 197 9.49 -30.90 1.52
C ALA C 197 10.44 -29.97 0.76
N LYS C 198 10.31 -29.91 -0.56
CA LYS C 198 11.09 -28.99 -1.38
C LYS C 198 10.82 -27.52 -1.00
N TRP C 199 9.59 -27.08 -1.25
CA TRP C 199 9.05 -25.82 -0.74
C TRP C 199 9.54 -25.41 0.67
N HIS C 200 9.55 -26.37 1.58
CA HIS C 200 10.07 -26.21 2.93
C HIS C 200 11.60 -25.94 2.94
N LYS C 201 12.35 -26.73 2.16
CA LYS C 201 13.79 -26.51 2.06
C LYS C 201 14.13 -25.11 1.49
N LYS C 202 13.36 -24.67 0.51
CA LYS C 202 13.55 -23.35 -0.08
C LYS C 202 13.23 -22.27 0.95
N LEU C 203 12.19 -22.54 1.75
CA LEU C 203 11.81 -21.64 2.84
C LEU C 203 12.92 -21.46 3.85
N LEU C 204 13.56 -22.57 4.23
CA LEU C 204 14.65 -22.53 5.20
C LEU C 204 15.87 -21.81 4.62
N GLU C 205 15.94 -21.72 3.29
CA GLU C 205 17.02 -21.01 2.60
C GLU C 205 16.87 -19.48 2.68
N ARG C 206 15.70 -19.01 3.09
CA ARG C 206 15.46 -17.57 3.24
C ARG C 206 16.28 -17.02 4.42
N PRO C 207 17.08 -15.98 4.15
CA PRO C 207 18.01 -15.31 5.07
C PRO C 207 17.45 -15.06 6.47
N ALA C 208 16.34 -14.33 6.56
CA ALA C 208 15.70 -14.04 7.85
C ALA C 208 15.38 -15.31 8.65
N ILE C 209 14.94 -16.35 7.95
CA ILE C 209 14.56 -17.60 8.60
C ILE C 209 15.82 -18.29 9.10
N ALA C 210 16.87 -18.26 8.28
CA ALA C 210 18.21 -18.63 8.74
C ALA C 210 18.62 -17.69 9.90
N LYS C 211 18.18 -18.07 11.09
CA LYS C 211 18.46 -17.36 12.34
C LYS C 211 17.86 -18.18 13.48
N VAL C 212 18.73 -18.56 14.40
CA VAL C 212 18.53 -19.76 15.19
C VAL C 212 19.02 -19.57 16.64
N TRP C 213 18.55 -20.40 17.57
CA TRP C 213 17.57 -21.45 17.30
C TRP C 213 16.24 -21.26 18.05
N GLY D 4 -30.09 -15.49 -9.11
CA GLY D 4 -30.23 -16.52 -8.10
C GLY D 4 -29.74 -16.12 -6.73
N LYS D 5 -29.27 -17.08 -5.95
CA LYS D 5 -28.75 -16.78 -4.62
C LYS D 5 -27.26 -16.45 -4.65
N GLN D 6 -26.88 -15.41 -3.91
CA GLN D 6 -25.51 -14.87 -3.95
C GLN D 6 -24.43 -15.85 -3.53
N PHE D 7 -24.66 -16.58 -2.45
CA PHE D 7 -23.63 -17.45 -1.89
C PHE D 7 -23.95 -18.93 -2.03
N THR D 8 -22.94 -19.74 -2.28
CA THR D 8 -23.08 -21.19 -2.17
C THR D 8 -22.25 -21.68 -0.99
N LEU D 9 -22.87 -22.50 -0.15
CA LEU D 9 -22.21 -23.01 1.05
C LEU D 9 -22.15 -24.52 1.07
N TYR D 10 -20.94 -25.06 1.25
CA TYR D 10 -20.77 -26.50 1.39
C TYR D 10 -20.50 -26.80 2.85
N THR D 11 -21.14 -27.84 3.39
CA THR D 11 -21.02 -28.15 4.81
C THR D 11 -21.48 -29.55 5.20
N HIS D 12 -21.55 -29.77 6.51
CA HIS D 12 -21.95 -31.06 7.07
C HIS D 12 -23.16 -30.88 8.02
N LYS D 13 -23.94 -31.96 8.18
CA LYS D 13 -25.28 -31.95 8.80
C LYS D 13 -25.49 -31.03 10.01
N GLY D 14 -25.23 -31.57 11.19
CA GLY D 14 -25.35 -30.81 12.42
C GLY D 14 -24.02 -30.16 12.74
N GLY D 15 -23.12 -30.20 11.77
CA GLY D 15 -21.77 -29.66 11.90
C GLY D 15 -21.73 -28.22 12.34
N PRO D 16 -21.02 -27.95 13.44
CA PRO D 16 -21.00 -26.65 14.14
C PRO D 16 -20.49 -25.49 13.28
N ASN D 17 -19.47 -25.73 12.46
CA ASN D 17 -18.87 -24.66 11.65
C ASN D 17 -19.79 -24.12 10.56
N GLY D 18 -20.53 -25.04 9.93
CA GLY D 18 -21.57 -24.67 8.98
C GLY D 18 -22.53 -23.74 9.67
N TRP D 19 -22.93 -24.12 10.89
CA TRP D 19 -23.85 -23.31 11.69
C TRP D 19 -23.32 -21.91 11.97
N LYS D 20 -22.05 -21.82 12.34
CA LYS D 20 -21.40 -20.51 12.52
C LYS D 20 -21.55 -19.63 11.28
N VAL D 21 -21.12 -20.19 10.15
CA VAL D 21 -21.20 -19.45 8.89
C VAL D 21 -22.63 -19.01 8.63
N THR D 22 -23.57 -19.89 8.94
CA THR D 22 -24.98 -19.63 8.67
C THR D 22 -25.52 -18.51 9.57
N ILE D 23 -25.03 -18.46 10.80
CA ILE D 23 -25.38 -17.40 11.73
C ILE D 23 -24.93 -16.07 11.14
N VAL D 24 -23.68 -16.02 10.66
CA VAL D 24 -23.19 -14.80 10.02
C VAL D 24 -24.02 -14.41 8.77
N LEU D 25 -24.31 -15.39 7.91
CA LEU D 25 -25.08 -15.13 6.71
C LEU D 25 -26.45 -14.54 7.03
N GLU D 26 -27.11 -15.09 8.05
CA GLU D 26 -28.41 -14.59 8.50
C GLU D 26 -28.30 -13.19 9.09
N GLU D 27 -27.31 -13.00 9.98
CA GLU D 27 -27.10 -11.74 10.67
C GLU D 27 -26.91 -10.59 9.68
N LEU D 28 -26.24 -10.88 8.57
CA LEU D 28 -26.00 -9.86 7.54
C LEU D 28 -27.05 -9.90 6.43
N GLY D 29 -28.04 -10.79 6.58
CA GLY D 29 -29.15 -10.87 5.65
C GLY D 29 -28.77 -11.15 4.20
N LEU D 30 -27.97 -12.18 3.97
CA LEU D 30 -27.44 -12.47 2.64
C LEU D 30 -28.09 -13.71 2.04
N THR D 31 -28.26 -13.72 0.71
CA THR D 31 -28.90 -14.85 0.05
C THR D 31 -27.85 -15.94 -0.19
N TYR D 32 -28.21 -17.17 0.16
CA TYR D 32 -27.30 -18.29 0.02
C TYR D 32 -28.09 -19.59 -0.16
N GLU D 33 -27.53 -20.51 -0.93
CA GLU D 33 -28.01 -21.87 -0.95
C GLU D 33 -27.03 -22.74 -0.17
N SER D 34 -27.57 -23.56 0.73
CA SER D 34 -26.76 -24.50 1.48
C SER D 34 -26.79 -25.85 0.77
N ILE D 35 -25.68 -26.57 0.83
CA ILE D 35 -25.46 -27.77 0.03
C ILE D 35 -24.53 -28.74 0.77
N PHE D 36 -24.88 -30.03 0.73
CA PHE D 36 -24.15 -31.07 1.47
C PHE D 36 -23.47 -32.05 0.52
N PRO D 54 -7.81 -28.49 -4.27
CA PRO D 54 -9.06 -28.58 -3.51
C PRO D 54 -8.90 -29.36 -2.20
N ASN D 55 -9.34 -30.61 -2.18
CA ASN D 55 -9.20 -31.52 -1.02
C ASN D 55 -9.89 -31.06 0.27
N GLY D 56 -9.12 -30.92 1.34
CA GLY D 56 -9.63 -30.35 2.58
C GLY D 56 -10.30 -29.03 2.30
N ARG D 57 -11.63 -29.01 2.34
CA ARG D 57 -12.42 -27.89 1.82
C ARG D 57 -13.89 -27.91 2.26
N ILE D 58 -14.15 -28.25 3.53
CA ILE D 58 -15.50 -28.18 4.12
C ILE D 58 -15.42 -27.72 5.58
N PRO D 59 -16.17 -26.64 5.92
CA PRO D 59 -17.06 -25.90 5.02
C PRO D 59 -16.32 -24.94 4.08
N ALA D 60 -16.86 -24.82 2.87
CA ALA D 60 -16.35 -23.83 1.91
C ALA D 60 -17.48 -22.89 1.45
N LEU D 61 -17.09 -21.68 1.06
CA LEU D 61 -18.03 -20.64 0.70
C LEU D 61 -17.68 -20.06 -0.65
N ILE D 62 -18.69 -19.82 -1.47
CA ILE D 62 -18.54 -19.25 -2.80
C ILE D 62 -19.41 -18.01 -2.95
N ASP D 63 -18.78 -16.92 -3.38
CA ASP D 63 -19.44 -15.64 -3.55
C ASP D 63 -19.64 -15.42 -5.04
N HIS D 64 -20.87 -15.61 -5.51
CA HIS D 64 -21.18 -15.54 -6.94
C HIS D 64 -21.18 -14.10 -7.45
N LYS D 65 -21.21 -13.16 -6.50
CA LYS D 65 -21.17 -11.75 -6.84
C LYS D 65 -19.71 -11.30 -6.98
N ASN D 66 -18.78 -12.15 -6.55
CA ASN D 66 -17.34 -11.84 -6.56
C ASN D 66 -16.54 -12.84 -7.41
N ASN D 67 -17.02 -13.07 -8.63
CA ASN D 67 -16.41 -14.03 -9.54
C ASN D 67 -16.25 -15.44 -8.96
N ASP D 68 -17.22 -15.86 -8.18
CA ASP D 68 -17.19 -17.14 -7.51
C ASP D 68 -15.92 -17.34 -6.71
N TYR D 69 -15.46 -16.27 -6.05
CA TYR D 69 -14.32 -16.40 -5.14
C TYR D 69 -14.67 -17.43 -4.07
N THR D 70 -13.77 -18.39 -3.84
CA THR D 70 -14.05 -19.47 -2.92
C THR D 70 -13.07 -19.46 -1.75
N VAL D 71 -13.59 -19.57 -0.53
CA VAL D 71 -12.74 -19.55 0.66
C VAL D 71 -13.24 -20.58 1.65
N TRP D 72 -12.32 -21.29 2.30
CA TRP D 72 -12.70 -22.20 3.38
C TRP D 72 -12.01 -21.87 4.71
N GLU D 73 -12.21 -22.74 5.70
CA GLU D 73 -12.00 -22.43 7.13
C GLU D 73 -13.08 -21.47 7.63
N SER D 74 -13.89 -21.95 8.57
CA SER D 74 -15.10 -21.23 8.98
C SER D 74 -14.82 -19.80 9.46
N ASN D 75 -13.84 -19.63 10.34
CA ASN D 75 -13.51 -18.28 10.79
C ASN D 75 -12.93 -17.38 9.67
N ALA D 76 -12.28 -17.98 8.68
CA ALA D 76 -11.83 -17.17 7.54
C ALA D 76 -13.04 -16.68 6.75
N ILE D 77 -13.94 -17.62 6.44
CA ILE D 77 -15.17 -17.30 5.73
C ILE D 77 -15.90 -16.17 6.44
N ILE D 78 -16.09 -16.34 7.75
CA ILE D 78 -16.75 -15.36 8.60
C ILE D 78 -16.08 -13.99 8.50
N GLN D 79 -14.74 -13.98 8.55
CA GLN D 79 -13.99 -12.74 8.46
C GLN D 79 -14.25 -12.06 7.11
N TYR D 80 -14.16 -12.84 6.04
CA TYR D 80 -14.47 -12.38 4.68
C TYR D 80 -15.87 -11.73 4.62
N LEU D 81 -16.86 -12.44 5.15
CA LEU D 81 -18.24 -11.99 5.11
C LEU D 81 -18.43 -10.67 5.81
N VAL D 82 -17.97 -10.54 7.06
CA VAL D 82 -18.23 -9.26 7.75
C VAL D 82 -17.42 -8.12 7.14
N ASP D 83 -16.18 -8.43 6.75
CA ASP D 83 -15.31 -7.38 6.25
C ASP D 83 -15.86 -6.78 4.97
N LYS D 84 -16.39 -7.64 4.10
CA LYS D 84 -16.87 -7.23 2.78
C LYS D 84 -18.34 -6.78 2.80
N TYR D 85 -19.15 -7.37 3.68
CA TYR D 85 -20.60 -7.17 3.66
C TYR D 85 -21.22 -6.66 4.96
N ASP D 86 -20.41 -6.19 5.91
CA ASP D 86 -20.94 -5.56 7.12
C ASP D 86 -20.32 -4.16 7.32
N LYS D 87 -20.37 -3.34 6.28
CA LYS D 87 -19.81 -1.99 6.31
C LYS D 87 -20.56 -1.09 7.30
N ASP D 88 -21.77 -1.49 7.67
CA ASP D 88 -22.52 -0.76 8.70
C ASP D 88 -22.03 -1.16 10.09
N ARG D 89 -21.24 -2.22 10.13
CA ARG D 89 -20.62 -2.68 11.37
C ARG D 89 -21.67 -3.05 12.42
N LYS D 90 -22.73 -3.73 11.98
CA LYS D 90 -23.72 -4.29 12.89
C LYS D 90 -23.11 -5.30 13.86
N VAL D 91 -22.30 -6.23 13.34
CA VAL D 91 -21.83 -7.36 14.14
C VAL D 91 -20.33 -7.58 13.97
N SER D 92 -19.61 -6.50 13.65
CA SER D 92 -18.17 -6.56 13.42
C SER D 92 -17.57 -5.19 13.62
N VAL D 93 -16.27 -5.14 13.91
CA VAL D 93 -15.53 -3.89 14.02
C VAL D 93 -14.70 -3.66 12.74
N ALA D 94 -14.34 -2.41 12.46
CA ALA D 94 -13.67 -2.06 11.20
C ALA D 94 -12.23 -2.59 11.09
N PRO D 95 -11.90 -3.18 9.92
CA PRO D 95 -10.55 -3.61 9.54
C PRO D 95 -9.49 -2.55 9.83
N GLY D 96 -8.32 -2.97 10.29
CA GLY D 96 -7.24 -2.04 10.56
C GLY D 96 -7.36 -1.20 11.82
N THR D 97 -8.13 -1.70 12.78
CA THR D 97 -8.25 -1.10 14.09
C THR D 97 -7.72 -2.09 15.12
N ASN D 98 -7.30 -1.60 16.28
CA ASN D 98 -6.81 -2.47 17.34
C ASN D 98 -7.87 -3.50 17.70
N GLU D 99 -9.11 -3.02 17.79
CA GLU D 99 -10.28 -3.86 18.04
C GLU D 99 -10.43 -4.95 17.00
N TYR D 100 -10.04 -4.66 15.77
CA TYR D 100 -10.03 -5.70 14.74
C TYR D 100 -9.12 -6.85 15.13
N TYR D 101 -7.97 -6.51 15.71
CA TYR D 101 -7.01 -7.54 16.08
C TYR D 101 -7.35 -8.24 17.39
N THR D 102 -8.07 -7.56 18.27
CA THR D 102 -8.62 -8.21 19.46
C THR D 102 -9.67 -9.24 19.04
N GLN D 103 -10.55 -8.80 18.15
CA GLN D 103 -11.58 -9.66 17.56
C GLN D 103 -10.89 -10.86 16.93
N LEU D 104 -9.85 -10.59 16.16
CA LEU D 104 -9.08 -11.67 15.55
C LEU D 104 -8.51 -12.65 16.60
N GLN D 105 -7.96 -12.14 17.70
CA GLN D 105 -7.47 -13.00 18.80
C GLN D 105 -8.56 -13.93 19.31
N TRP D 106 -9.76 -13.38 19.44
CA TRP D 106 -10.84 -14.20 19.96
C TRP D 106 -11.22 -15.28 18.97
N LEU D 107 -11.20 -14.95 17.67
CA LEU D 107 -11.51 -15.95 16.65
C LEU D 107 -10.46 -17.07 16.56
N TYR D 108 -9.19 -16.74 16.78
CA TYR D 108 -8.16 -17.79 16.91
C TYR D 108 -8.27 -18.61 18.20
N PHE D 109 -8.69 -17.97 19.28
CA PHE D 109 -8.84 -18.66 20.55
C PHE D 109 -9.97 -19.67 20.39
N GLN D 110 -11.03 -19.25 19.70
CA GLN D 110 -12.17 -20.11 19.43
C GLN D 110 -11.77 -21.33 18.62
N ALA D 111 -10.98 -21.11 17.57
CA ALA D 111 -10.57 -22.21 16.70
C ALA D 111 -9.61 -23.19 17.36
N SER D 112 -9.22 -22.91 18.61
CA SER D 112 -8.34 -23.81 19.36
C SER D 112 -9.10 -24.97 20.01
N ASN D 141 -10.94 -35.09 32.10
CA ASN D 141 -10.06 -34.20 31.35
C ASN D 141 -10.79 -33.00 30.73
N GLU D 142 -10.95 -31.94 31.52
CA GLU D 142 -11.67 -30.74 31.09
C GLU D 142 -10.74 -29.57 30.76
N ILE D 143 -10.74 -29.15 29.50
CA ILE D 143 -9.99 -27.97 29.09
C ILE D 143 -10.89 -26.75 29.13
N LYS D 144 -11.95 -26.83 29.94
CA LYS D 144 -12.85 -25.69 30.16
C LYS D 144 -12.17 -24.61 30.98
N ARG D 145 -10.86 -24.48 30.80
CA ARG D 145 -10.14 -23.28 31.14
C ARG D 145 -10.73 -22.21 30.23
N VAL D 146 -11.18 -22.65 29.05
CA VAL D 146 -11.90 -21.83 28.08
C VAL D 146 -13.00 -21.00 28.71
N LEU D 147 -13.94 -21.70 29.34
CA LEU D 147 -15.02 -21.08 30.08
C LEU D 147 -14.48 -20.16 31.17
N GLY D 148 -13.32 -20.52 31.71
CA GLY D 148 -12.63 -19.66 32.66
C GLY D 148 -12.24 -18.32 32.05
N VAL D 149 -11.65 -18.34 30.85
CA VAL D 149 -11.22 -17.13 30.15
C VAL D 149 -12.39 -16.26 29.73
N LEU D 150 -13.37 -16.90 29.09
CA LEU D 150 -14.60 -16.22 28.71
C LEU D 150 -15.23 -15.56 29.91
N GLU D 151 -15.40 -16.28 31.01
CA GLU D 151 -15.92 -15.69 32.23
C GLU D 151 -15.02 -14.53 32.69
N SER D 152 -13.71 -14.70 32.60
CA SER D 152 -12.75 -13.66 33.00
C SER D 152 -13.06 -12.35 32.30
N VAL D 153 -13.50 -12.45 31.05
CA VAL D 153 -13.77 -11.27 30.23
C VAL D 153 -15.21 -10.74 30.39
N LEU D 154 -16.17 -11.67 30.32
CA LEU D 154 -17.60 -11.35 30.36
C LEU D 154 -18.08 -10.91 31.75
N SER D 155 -17.36 -11.33 32.79
CA SER D 155 -17.64 -10.84 34.13
C SER D 155 -17.47 -9.33 34.18
N LYS D 156 -16.52 -8.85 33.40
CA LYS D 156 -16.10 -7.44 33.46
C LYS D 156 -16.65 -6.57 32.34
N GLN D 157 -17.03 -7.20 31.22
CA GLN D 157 -17.60 -6.46 30.09
C GLN D 157 -18.60 -7.29 29.28
N GLU D 158 -19.45 -6.59 28.54
CA GLU D 158 -20.63 -7.22 27.95
C GLU D 158 -20.35 -8.23 26.84
N PHE D 159 -19.30 -7.99 26.05
CA PHE D 159 -18.93 -8.98 25.03
C PHE D 159 -17.44 -9.14 24.96
N LEU D 160 -17.00 -10.07 24.14
CA LEU D 160 -15.58 -10.37 23.96
C LEU D 160 -14.81 -9.17 23.43
N VAL D 161 -15.37 -8.53 22.41
CA VAL D 161 -14.76 -7.33 21.87
C VAL D 161 -15.44 -6.09 22.45
N ASP D 162 -15.22 -5.91 23.75
CA ASP D 162 -15.42 -4.64 24.44
C ASP D 162 -16.63 -3.82 23.98
N GLY D 163 -17.82 -4.18 24.46
CA GLY D 163 -18.99 -3.32 24.26
C GLY D 163 -20.06 -3.75 23.28
N LYS D 164 -19.67 -4.30 22.13
CA LYS D 164 -20.65 -4.71 21.12
C LYS D 164 -20.53 -6.19 20.76
N ALA D 165 -21.65 -6.81 20.42
CA ALA D 165 -21.66 -8.20 19.98
C ALA D 165 -21.06 -8.34 18.58
N THR D 166 -20.15 -9.29 18.42
CA THR D 166 -19.52 -9.52 17.13
C THR D 166 -19.43 -10.98 16.77
N VAL D 167 -18.81 -11.23 15.61
CA VAL D 167 -18.52 -12.58 15.17
C VAL D 167 -17.65 -13.30 16.19
N ALA D 168 -16.90 -12.53 16.97
CA ALA D 168 -16.14 -13.12 18.07
C ALA D 168 -17.07 -13.88 19.01
N ASP D 169 -18.16 -13.23 19.44
CA ASP D 169 -19.10 -13.89 20.35
C ASP D 169 -19.79 -15.06 19.66
N PHE D 170 -20.22 -14.84 18.42
CA PHE D 170 -20.92 -15.87 17.62
C PHE D 170 -20.11 -17.15 17.43
N SER D 171 -18.80 -17.03 17.22
CA SER D 171 -18.01 -18.20 16.88
C SER D 171 -18.09 -19.36 17.90
N PHE D 172 -18.45 -19.03 19.14
CA PHE D 172 -18.55 -20.02 20.21
C PHE D 172 -19.92 -20.69 20.32
N LEU D 173 -20.90 -20.16 19.59
CA LEU D 173 -22.29 -20.56 19.82
C LEU D 173 -22.63 -22.03 19.56
N PRO D 174 -22.25 -22.58 18.39
CA PRO D 174 -22.59 -23.99 18.15
C PRO D 174 -21.94 -24.93 19.16
N TRP D 175 -21.17 -24.36 20.09
CA TRP D 175 -20.62 -25.09 21.22
C TRP D 175 -21.59 -25.13 22.40
N ASN D 176 -22.57 -26.01 22.28
CA ASN D 176 -23.34 -26.50 23.41
C ASN D 176 -22.94 -27.96 23.55
N GLU D 177 -22.93 -28.51 24.77
CA GLU D 177 -22.48 -29.89 24.99
C GLU D 177 -22.87 -30.52 26.34
N GLY D 178 -23.15 -29.69 27.34
CA GLY D 178 -23.51 -30.18 28.65
C GLY D 178 -22.32 -30.52 29.52
N GLU D 190 -25.90 -26.10 35.07
CA GLU D 190 -25.84 -26.96 36.25
C GLU D 190 -25.07 -26.28 37.38
N GLU D 191 -24.55 -25.08 37.10
CA GLU D 191 -23.62 -24.43 38.01
C GLU D 191 -23.67 -22.90 37.95
N GLU D 192 -23.00 -22.26 38.90
CA GLU D 192 -22.76 -20.83 38.82
C GLU D 192 -21.51 -20.57 37.99
N PHE D 193 -21.71 -20.50 36.68
CA PHE D 193 -20.73 -19.89 35.79
C PHE D 193 -21.44 -18.79 35.01
N PRO D 194 -21.97 -17.80 35.76
CA PRO D 194 -23.08 -16.92 35.33
C PRO D 194 -22.78 -16.09 34.10
N ALA D 195 -21.95 -15.06 34.23
CA ALA D 195 -21.68 -14.11 33.14
C ALA D 195 -21.67 -14.73 31.74
N THR D 196 -20.95 -15.84 31.60
CA THR D 196 -20.90 -16.59 30.34
C THR D 196 -22.25 -17.21 29.95
N ALA D 197 -22.88 -17.94 30.87
CA ALA D 197 -24.16 -18.57 30.59
C ALA D 197 -25.23 -17.54 30.22
N LYS D 198 -25.19 -16.40 30.90
CA LYS D 198 -26.09 -15.29 30.62
C LYS D 198 -25.85 -14.78 29.21
N TRP D 199 -24.58 -14.44 28.94
CA TRP D 199 -24.12 -13.96 27.64
C TRP D 199 -24.54 -14.88 26.49
N HIS D 200 -24.42 -16.18 26.73
CA HIS D 200 -24.78 -17.22 25.76
C HIS D 200 -26.29 -17.25 25.51
N LYS D 201 -27.05 -17.33 26.59
CA LYS D 201 -28.51 -17.33 26.52
C LYS D 201 -29.03 -16.13 25.76
N LYS D 202 -28.49 -14.95 26.09
CA LYS D 202 -28.88 -13.70 25.44
C LYS D 202 -28.47 -13.70 23.98
N LEU D 203 -27.37 -14.38 23.67
CA LEU D 203 -26.96 -14.54 22.27
C LEU D 203 -28.00 -15.34 21.47
N LEU D 204 -28.43 -16.47 22.02
CA LEU D 204 -29.46 -17.30 21.37
C LEU D 204 -30.81 -16.58 21.14
N GLU D 205 -31.01 -15.44 21.80
CA GLU D 205 -32.28 -14.72 21.68
C GLU D 205 -32.33 -13.84 20.44
N ARG D 206 -31.17 -13.63 19.82
CA ARG D 206 -31.10 -12.81 18.61
C ARG D 206 -31.88 -13.45 17.47
N PRO D 207 -32.79 -12.68 16.85
CA PRO D 207 -33.66 -13.17 15.77
C PRO D 207 -32.90 -14.00 14.72
N ALA D 208 -31.86 -13.44 14.10
CA ALA D 208 -31.09 -14.17 13.09
C ALA D 208 -30.58 -15.50 13.65
N ILE D 209 -29.98 -15.45 14.83
CA ILE D 209 -29.52 -16.66 15.52
C ILE D 209 -30.68 -17.61 15.88
N ALA D 210 -31.72 -17.05 16.50
CA ALA D 210 -32.88 -17.83 16.96
C ALA D 210 -33.45 -18.76 15.89
N LYS D 211 -33.55 -18.27 14.66
CA LYS D 211 -33.97 -19.14 13.57
C LYS D 211 -32.88 -20.13 13.20
N VAL D 212 -32.47 -20.96 14.16
CA VAL D 212 -31.72 -22.17 13.88
C VAL D 212 -32.70 -23.15 13.22
N TRP D 213 -32.14 -24.20 12.62
CA TRP D 213 -32.87 -25.24 11.89
C TRP D 213 -34.31 -25.48 12.38
S SO4 E . 19.11 24.97 -9.19
O1 SO4 E . 19.38 25.01 -7.73
O2 SO4 E . 19.11 23.58 -9.65
O3 SO4 E . 17.85 25.62 -9.51
O4 SO4 E . 20.16 25.70 -9.90
S SO4 F . 2.37 11.57 -25.87
O1 SO4 F . 2.24 12.78 -25.04
O2 SO4 F . 1.27 10.65 -25.58
O3 SO4 F . 2.33 11.96 -27.28
O4 SO4 F . 3.68 10.99 -25.63
S SO4 G . -7.81 0.14 -26.69
O1 SO4 G . -7.78 0.73 -25.36
O2 SO4 G . -8.28 -1.23 -26.58
O3 SO4 G . -8.75 0.93 -27.51
O4 SO4 G . -6.47 0.16 -27.28
C1 GOL H . 23.83 -4.54 -9.91
O1 GOL H . 24.28 -4.40 -11.24
C2 GOL H . 22.68 -5.55 -9.72
O2 GOL H . 22.38 -6.31 -10.89
C3 GOL H . 22.90 -6.42 -8.49
O3 GOL H . 23.04 -5.61 -7.34
S SO4 I . 4.82 -21.38 22.31
O1 SO4 I . 5.41 -22.41 23.15
O2 SO4 I . 3.47 -21.79 21.94
O3 SO4 I . 5.64 -21.22 21.11
O4 SO4 I . 4.79 -20.11 23.04
S SO4 J . -18.52 -28.96 10.02
O1 SO4 J . -19.21 -27.93 10.79
O2 SO4 J . -19.17 -30.24 10.27
O3 SO4 J . -18.62 -28.65 8.59
O4 SO4 J . -17.13 -29.02 10.44
#